data_9MMI
#
_entry.id   9MMI
#
_cell.length_a   65.190
_cell.length_b   72.914
_cell.length_c   119.245
_cell.angle_alpha   90.000
_cell.angle_beta   90.030
_cell.angle_gamma   90.000
#
_symmetry.space_group_name_H-M   'P 1 21 1'
#
loop_
_entity.id
_entity.type
_entity.pdbx_description
1 polymer Fructose-1,6-bisphosphatase/inositol-1-monophosphatase
2 non-polymer (4S)-2-METHYL-2,4-PENTANEDIOL
3 non-polymer 'MAGNESIUM ION'
4 non-polymer 'PHOSPHATE ION'
5 water water
#
_entity_poly.entity_id   1
_entity_poly.type   'polypeptide(L)'
_entity_poly.pdbx_seq_one_letter_code
;MENLKKYLEVAKIAALAGGQVLKENFGKVKKENIEEKGEKDFVSYVDKTSEERIKEVILKFFPDHEVVGEEMGAEGSGSE
YRWFIDPLDGTKNYINGFPIFAVSVGLVKGEEPIVGAVYLPYFDKLYWGAKGLGAYVNGKRIKVKDNESLKHAGVVYGFP
SRSRRDISIYLNIFKDVFYEVGSMRRPGAAAVDLCMVAEGIFDGMMEFEMKPWDITAGLVILKEAGGVYTLVGEPFGVSD
IIAGNKALHDFILQVAKKYMEVAV
;
_entity_poly.pdbx_strand_id   A,B,C,D
#
loop_
_chem_comp.id
_chem_comp.type
_chem_comp.name
_chem_comp.formula
MG non-polymer 'MAGNESIUM ION' 'Mg 2'
MPD non-polymer (4S)-2-METHYL-2,4-PENTANEDIOL 'C6 H14 O2'
PO4 non-polymer 'PHOSPHATE ION' 'O4 P -3'
#
# COMPACT_ATOMS: atom_id res chain seq x y z
N ASN A 3 21.39 -26.76 -0.27
CA ASN A 3 22.32 -26.35 -1.33
C ASN A 3 21.72 -25.18 -2.13
N LEU A 4 20.40 -25.02 -2.09
CA LEU A 4 19.78 -23.95 -2.86
C LEU A 4 19.61 -22.65 -2.10
N LYS A 5 19.81 -22.66 -0.77
CA LYS A 5 19.41 -21.49 0.01
C LYS A 5 20.22 -20.26 -0.38
N LYS A 6 21.51 -20.44 -0.65
CA LYS A 6 22.32 -19.27 -1.02
C LYS A 6 21.89 -18.72 -2.39
N TYR A 7 21.64 -19.60 -3.36
CA TYR A 7 21.12 -19.12 -4.64
C TYR A 7 19.80 -18.34 -4.44
N LEU A 8 18.92 -18.84 -3.58
CA LEU A 8 17.63 -18.23 -3.38
C LEU A 8 17.75 -16.83 -2.75
N GLU A 9 18.61 -16.68 -1.73
CA GLU A 9 18.74 -15.38 -1.07
C GLU A 9 19.37 -14.36 -2.02
N VAL A 10 20.31 -14.80 -2.86
CA VAL A 10 20.89 -13.90 -3.86
C VAL A 10 19.86 -13.53 -4.92
N ALA A 11 19.05 -14.48 -5.37
CA ALA A 11 18.00 -14.16 -6.32
C ALA A 11 17.14 -13.02 -5.80
N LYS A 12 16.74 -13.14 -4.54
CA LYS A 12 15.87 -12.11 -3.92
C LYS A 12 16.57 -10.75 -3.84
N ILE A 13 17.82 -10.73 -3.37
CA ILE A 13 18.59 -9.48 -3.32
C ILE A 13 18.71 -8.87 -4.71
N ALA A 14 18.99 -9.71 -5.73
CA ALA A 14 19.12 -9.19 -7.10
C ALA A 14 17.82 -8.61 -7.63
N ALA A 15 16.70 -9.28 -7.36
CA ALA A 15 15.40 -8.77 -7.75
C ALA A 15 15.09 -7.44 -7.06
N LEU A 16 15.43 -7.31 -5.79
CA LEU A 16 15.24 -6.04 -5.08
C LEU A 16 16.11 -4.93 -5.67
N ALA A 17 17.35 -5.27 -6.05
CA ALA A 17 18.28 -4.28 -6.59
C ALA A 17 17.72 -3.68 -7.89
N GLY A 18 17.24 -4.53 -8.79
CA GLY A 18 16.58 -4.02 -9.99
C GLY A 18 15.29 -3.30 -9.65
N GLY A 19 14.54 -3.84 -8.70
CA GLY A 19 13.27 -3.22 -8.33
C GLY A 19 13.44 -1.78 -7.86
N GLN A 20 14.55 -1.49 -7.21
CA GLN A 20 14.78 -0.14 -6.70
C GLN A 20 14.93 0.87 -7.83
N VAL A 21 15.59 0.45 -8.93
CA VAL A 21 15.65 1.29 -10.13
C VAL A 21 14.25 1.59 -10.65
N LEU A 22 13.39 0.55 -10.68
CA LEU A 22 12.03 0.70 -11.16
C LEU A 22 11.25 1.68 -10.27
N LYS A 23 11.43 1.56 -8.96
CA LYS A 23 10.77 2.46 -8.02
C LYS A 23 11.18 3.91 -8.24
N GLU A 24 12.47 4.16 -8.39
CA GLU A 24 12.97 5.53 -8.47
C GLU A 24 12.51 6.23 -9.73
N ASN A 25 12.16 5.48 -10.77
CA ASN A 25 11.87 6.10 -12.04
C ASN A 25 10.41 5.99 -12.44
N PHE A 26 9.56 5.38 -11.62
CA PHE A 26 8.18 5.15 -11.99
C PHE A 26 7.45 6.46 -12.18
N GLY A 27 6.89 6.67 -13.36
CA GLY A 27 6.24 7.92 -13.71
C GLY A 27 7.13 8.94 -14.37
N LYS A 28 8.40 8.62 -14.60
CA LYS A 28 9.35 9.57 -15.16
C LYS A 28 9.70 9.30 -16.62
N VAL A 29 9.29 8.18 -17.19
CA VAL A 29 9.73 7.81 -18.53
C VAL A 29 8.86 8.54 -19.55
N LYS A 30 9.46 9.44 -20.31
CA LYS A 30 8.79 10.20 -21.34
C LYS A 30 9.05 9.61 -22.72
N LYS A 31 8.26 10.05 -23.69
CA LYS A 31 8.44 9.53 -25.05
C LYS A 31 9.86 9.69 -25.51
N GLU A 32 10.54 10.78 -25.09
CA GLU A 32 11.91 11.02 -25.50
C GLU A 32 12.85 9.90 -25.08
N ASN A 33 12.52 9.20 -24.01
CA ASN A 33 13.37 8.14 -23.45
C ASN A 33 13.05 6.75 -23.98
N ILE A 34 12.04 6.60 -24.83
CA ILE A 34 11.59 5.28 -25.26
C ILE A 34 12.29 4.94 -26.57
N GLU A 35 12.98 3.79 -26.59
CA GLU A 35 13.48 3.22 -27.83
C GLU A 35 12.49 2.17 -28.32
N GLU A 36 12.28 2.12 -29.64
CA GLU A 36 11.51 1.05 -30.24
C GLU A 36 12.37 -0.19 -30.44
N LYS A 37 11.82 -1.35 -30.09
CA LYS A 37 12.39 -2.65 -30.40
C LYS A 37 11.40 -3.37 -31.30
N GLY A 38 11.86 -3.76 -32.48
CA GLY A 38 10.90 -4.48 -33.30
C GLY A 38 9.70 -3.58 -33.57
N GLU A 39 8.60 -4.21 -33.97
CA GLU A 39 7.47 -3.43 -34.43
C GLU A 39 6.73 -2.75 -33.28
N LYS A 40 6.49 -3.47 -32.17
CA LYS A 40 5.67 -2.93 -31.12
C LYS A 40 6.32 -2.80 -29.75
N ASP A 41 7.55 -3.32 -29.57
CA ASP A 41 8.13 -3.36 -28.23
C ASP A 41 8.86 -2.06 -27.91
N PHE A 42 8.85 -1.71 -26.63
CA PHE A 42 9.52 -0.52 -26.11
C PHE A 42 10.57 -0.95 -25.07
N VAL A 43 11.62 -0.15 -24.96
CA VAL A 43 12.60 -0.29 -23.88
C VAL A 43 13.10 1.10 -23.55
N SER A 44 13.52 1.31 -22.30
CA SER A 44 14.11 2.58 -21.90
C SER A 44 15.33 2.32 -21.03
N TYR A 45 16.00 3.42 -20.69
CA TYR A 45 17.10 3.37 -19.73
C TYR A 45 16.70 2.68 -18.44
N VAL A 46 15.42 2.61 -18.10
CA VAL A 46 15.03 1.98 -16.86
C VAL A 46 15.26 0.46 -16.92
N ASP A 47 14.72 -0.18 -17.97
CA ASP A 47 14.93 -1.62 -18.17
C ASP A 47 16.42 -1.94 -18.15
N LYS A 48 17.22 -1.15 -18.86
CA LYS A 48 18.61 -1.51 -19.02
C LYS A 48 19.40 -1.32 -17.72
N THR A 49 19.08 -0.27 -16.97
CA THR A 49 19.76 -0.03 -15.71
C THR A 49 19.41 -1.11 -14.68
N SER A 50 18.13 -1.47 -14.60
CA SER A 50 17.70 -2.56 -13.73
C SER A 50 18.45 -3.82 -14.08
N GLU A 51 18.54 -4.15 -15.38
CA GLU A 51 19.27 -5.37 -15.76
C GLU A 51 20.74 -5.32 -15.34
N GLU A 52 21.41 -4.19 -15.54
CA GLU A 52 22.79 -4.07 -15.12
C GLU A 52 22.95 -4.39 -13.64
N ARG A 53 22.07 -3.83 -12.80
CA ARG A 53 22.17 -4.02 -11.36
C ARG A 53 21.94 -5.48 -10.97
N ILE A 54 20.94 -6.11 -11.55
CA ILE A 54 20.64 -7.51 -11.25
C ILE A 54 21.84 -8.37 -11.60
N LYS A 55 22.38 -8.17 -12.80
CA LYS A 55 23.50 -8.98 -13.25
C LYS A 55 24.70 -8.79 -12.35
N GLU A 56 24.96 -7.54 -11.97
CA GLU A 56 26.11 -7.27 -11.12
C GLU A 56 26.00 -8.01 -9.80
N VAL A 57 24.81 -7.95 -9.19
CA VAL A 57 24.60 -8.66 -7.93
C VAL A 57 24.89 -10.15 -8.10
N ILE A 58 24.28 -10.77 -9.10
CA ILE A 58 24.43 -12.21 -9.26
C ILE A 58 25.88 -12.58 -9.48
N LEU A 59 26.56 -11.84 -10.34
CA LEU A 59 27.92 -12.26 -10.67
C LEU A 59 28.92 -11.94 -9.59
N LYS A 60 28.62 -10.98 -8.70
CA LYS A 60 29.50 -10.76 -7.56
C LYS A 60 29.47 -11.97 -6.63
N PHE A 61 28.30 -12.57 -6.44
CA PHE A 61 28.16 -13.74 -5.59
C PHE A 61 28.59 -15.01 -6.31
N PHE A 62 28.32 -15.13 -7.60
CA PHE A 62 28.56 -16.36 -8.37
C PHE A 62 29.28 -16.00 -9.65
N PRO A 63 30.58 -15.65 -9.58
CA PRO A 63 31.28 -15.13 -10.76
C PRO A 63 31.35 -16.06 -11.97
N ASP A 64 31.18 -17.36 -11.78
CA ASP A 64 31.32 -18.35 -12.87
C ASP A 64 29.98 -18.65 -13.52
N HIS A 65 28.89 -18.10 -12.98
CA HIS A 65 27.54 -18.35 -13.50
C HIS A 65 27.28 -17.58 -14.79
N GLU A 66 26.34 -18.05 -15.58
CA GLU A 66 25.85 -17.37 -16.76
C GLU A 66 24.63 -16.54 -16.42
N VAL A 67 24.57 -15.32 -16.93
CA VAL A 67 23.41 -14.47 -16.74
C VAL A 67 22.86 -14.07 -18.10
N VAL A 68 21.55 -14.24 -18.29
CA VAL A 68 20.89 -13.94 -19.55
C VAL A 68 19.76 -12.95 -19.28
N GLY A 69 19.89 -11.73 -19.76
CA GLY A 69 18.87 -10.72 -19.60
C GLY A 69 18.19 -10.36 -20.90
N GLU A 70 16.96 -9.92 -20.81
CA GLU A 70 16.18 -9.56 -21.99
C GLU A 70 16.86 -8.49 -22.81
N GLU A 71 17.40 -7.44 -22.17
CA GLU A 71 17.76 -6.24 -22.93
C GLU A 71 19.20 -6.22 -23.43
N MET A 72 20.13 -6.84 -22.73
CA MET A 72 21.53 -6.79 -23.12
C MET A 72 22.12 -8.18 -23.32
N GLY A 73 21.31 -9.22 -23.24
CA GLY A 73 21.80 -10.55 -23.60
C GLY A 73 22.55 -11.25 -22.49
N ALA A 74 23.42 -12.15 -22.91
CA ALA A 74 24.07 -13.09 -22.02
C ALA A 74 25.48 -12.62 -21.66
N GLU A 75 25.89 -12.95 -20.44
CA GLU A 75 27.27 -12.82 -19.99
C GLU A 75 27.65 -14.11 -19.29
N GLY A 76 28.86 -14.57 -19.51
CA GLY A 76 29.38 -15.77 -18.87
C GLY A 76 30.23 -16.54 -19.81
N SER A 77 30.63 -17.73 -19.38
CA SER A 77 31.59 -18.54 -20.10
C SER A 77 31.16 -20.01 -20.16
N GLY A 78 29.85 -20.25 -20.08
CA GLY A 78 29.26 -21.55 -20.41
C GLY A 78 28.84 -22.44 -19.26
N SER A 79 28.32 -21.85 -18.20
CA SER A 79 28.06 -22.58 -16.98
C SER A 79 26.78 -23.40 -17.08
N GLU A 80 26.72 -24.46 -16.26
CA GLU A 80 25.43 -25.12 -16.15
C GLU A 80 24.44 -24.34 -15.29
N TYR A 81 24.90 -23.36 -14.52
CA TYR A 81 24.00 -22.46 -13.81
C TYR A 81 23.74 -21.25 -14.70
N ARG A 82 22.50 -21.10 -15.13
CA ARG A 82 22.09 -20.01 -15.99
C ARG A 82 20.95 -19.25 -15.34
N TRP A 83 21.15 -17.96 -15.16
CA TRP A 83 20.09 -17.08 -14.69
C TRP A 83 19.38 -16.44 -15.87
N PHE A 84 18.05 -16.38 -15.79
CA PHE A 84 17.22 -15.72 -16.79
C PHE A 84 16.48 -14.56 -16.11
N ILE A 85 16.73 -13.36 -16.60
CA ILE A 85 16.38 -12.11 -15.92
C ILE A 85 15.50 -11.29 -16.84
N ASP A 86 14.32 -10.93 -16.36
CA ASP A 86 13.55 -9.88 -16.98
C ASP A 86 13.66 -8.68 -16.07
N PRO A 87 14.40 -7.64 -16.46
CA PRO A 87 14.62 -6.49 -15.56
C PRO A 87 13.40 -5.62 -15.38
N LEU A 88 12.39 -5.80 -16.23
CA LEU A 88 11.13 -5.03 -16.16
C LEU A 88 10.07 -5.80 -16.94
N ASP A 89 9.30 -6.64 -16.27
CA ASP A 89 8.22 -7.38 -16.88
C ASP A 89 6.99 -6.50 -16.71
N GLY A 90 6.39 -6.12 -17.81
CA GLY A 90 5.36 -5.11 -17.82
C GLY A 90 5.84 -3.72 -18.19
N THR A 91 6.74 -3.61 -19.21
CA THR A 91 7.25 -2.32 -19.62
C THR A 91 6.13 -1.37 -20.07
N LYS A 92 5.18 -1.85 -20.89
CA LYS A 92 4.14 -0.93 -21.35
C LYS A 92 3.30 -0.41 -20.19
N ASN A 93 2.97 -1.30 -19.24
CA ASN A 93 2.24 -0.90 -18.04
C ASN A 93 3.03 0.15 -17.26
N TYR A 94 4.32 -0.10 -17.08
CA TYR A 94 5.20 0.80 -16.34
C TYR A 94 5.23 2.20 -16.94
N ILE A 95 5.39 2.28 -18.26
CA ILE A 95 5.44 3.57 -18.94
C ILE A 95 4.11 4.31 -18.82
N ASN A 96 3.00 3.58 -18.87
CA ASN A 96 1.67 4.18 -18.76
C ASN A 96 1.31 4.56 -17.33
N GLY A 97 2.02 4.06 -16.34
CA GLY A 97 1.67 4.29 -14.95
C GLY A 97 0.70 3.29 -14.37
N PHE A 98 0.51 2.13 -15.02
CA PHE A 98 -0.32 1.05 -14.51
C PHE A 98 0.58 0.13 -13.70
N PRO A 99 0.36 -0.01 -12.42
CA PRO A 99 1.47 -0.51 -11.58
C PRO A 99 1.64 -2.01 -11.53
N ILE A 100 1.06 -2.76 -12.47
CA ILE A 100 1.30 -4.20 -12.58
C ILE A 100 2.56 -4.40 -13.44
N PHE A 101 3.69 -4.53 -12.76
CA PHE A 101 4.99 -4.74 -13.39
C PHE A 101 5.91 -5.35 -12.34
N ALA A 102 6.95 -6.01 -12.80
CA ALA A 102 7.79 -6.79 -11.91
C ALA A 102 9.21 -6.92 -12.45
N VAL A 103 10.08 -7.38 -11.56
CA VAL A 103 11.40 -7.87 -11.88
C VAL A 103 11.39 -9.37 -11.69
N SER A 104 11.86 -10.11 -12.69
CA SER A 104 11.87 -11.58 -12.62
C SER A 104 13.32 -12.08 -12.69
N VAL A 105 13.70 -12.86 -11.69
CA VAL A 105 15.05 -13.43 -11.56
C VAL A 105 14.94 -14.93 -11.30
N GLY A 106 15.27 -15.72 -12.30
CA GLY A 106 15.17 -17.17 -12.19
C GLY A 106 16.48 -17.85 -12.50
N LEU A 107 16.73 -18.97 -11.83
CA LEU A 107 17.95 -19.76 -12.05
C LEU A 107 17.57 -21.15 -12.55
N VAL A 108 18.25 -21.61 -13.61
CA VAL A 108 18.13 -22.98 -14.06
C VAL A 108 19.49 -23.67 -13.86
N LYS A 109 19.44 -24.93 -13.52
CA LYS A 109 20.62 -25.79 -13.45
C LYS A 109 20.47 -26.80 -14.58
N GLY A 110 21.29 -26.66 -15.61
CA GLY A 110 21.10 -27.40 -16.85
C GLY A 110 19.83 -26.98 -17.56
N GLU A 111 18.78 -27.79 -17.45
CA GLU A 111 17.50 -27.43 -18.00
C GLU A 111 16.42 -27.35 -16.93
N GLU A 112 16.75 -27.54 -15.66
CA GLU A 112 15.74 -27.56 -14.63
C GLU A 112 15.68 -26.22 -13.94
N PRO A 113 14.54 -25.54 -13.93
CA PRO A 113 14.42 -24.33 -13.10
C PRO A 113 14.47 -24.70 -11.62
N ILE A 114 15.32 -24.02 -10.85
CA ILE A 114 15.49 -24.39 -9.45
C ILE A 114 15.27 -23.27 -8.45
N VAL A 115 15.36 -22.01 -8.84
CA VAL A 115 15.21 -20.87 -7.93
C VAL A 115 14.49 -19.78 -8.68
N GLY A 116 13.56 -19.12 -7.99
CA GLY A 116 12.89 -18.00 -8.59
C GLY A 116 12.56 -16.90 -7.56
N ALA A 117 12.70 -15.64 -8.00
CA ALA A 117 12.22 -14.47 -7.29
C ALA A 117 11.57 -13.53 -8.28
N VAL A 118 10.36 -13.08 -7.96
CA VAL A 118 9.61 -12.11 -8.76
C VAL A 118 9.15 -10.99 -7.82
N TYR A 119 9.63 -9.78 -8.06
CA TYR A 119 9.38 -8.63 -7.20
C TYR A 119 8.46 -7.66 -7.90
N LEU A 120 7.37 -7.27 -7.23
CA LEU A 120 6.48 -6.23 -7.71
C LEU A 120 6.80 -4.96 -6.93
N PRO A 121 7.55 -4.01 -7.50
CA PRO A 121 8.07 -2.91 -6.68
C PRO A 121 7.00 -1.97 -6.18
N TYR A 122 5.92 -1.77 -6.92
CA TYR A 122 4.90 -0.77 -6.52
C TYR A 122 4.18 -1.26 -5.26
N PHE A 123 3.99 -2.56 -5.13
CA PHE A 123 3.27 -3.17 -4.03
C PHE A 123 4.20 -3.75 -2.96
N ASP A 124 5.50 -3.63 -3.16
CA ASP A 124 6.52 -4.25 -2.33
C ASP A 124 6.13 -5.68 -1.97
N LYS A 125 5.89 -6.47 -3.00
CA LYS A 125 5.54 -7.88 -2.84
C LYS A 125 6.58 -8.72 -3.54
N LEU A 126 7.26 -9.57 -2.78
CA LEU A 126 8.31 -10.44 -3.30
C LEU A 126 7.83 -11.88 -3.24
N TYR A 127 7.61 -12.46 -4.41
CA TYR A 127 7.34 -13.88 -4.53
C TYR A 127 8.68 -14.61 -4.67
N TRP A 128 8.80 -15.74 -4.00
CA TRP A 128 10.05 -16.48 -4.09
C TRP A 128 9.84 -17.95 -3.84
N GLY A 129 10.78 -18.74 -4.32
CA GLY A 129 10.67 -20.17 -4.16
C GLY A 129 11.88 -20.87 -4.71
N ALA A 130 12.06 -22.11 -4.26
CA ALA A 130 13.15 -22.94 -4.77
C ALA A 130 12.74 -24.39 -4.64
N LYS A 131 13.31 -25.22 -5.52
CA LYS A 131 13.00 -26.63 -5.57
C LYS A 131 13.12 -27.29 -4.20
N GLY A 132 12.01 -27.88 -3.75
CA GLY A 132 11.99 -28.55 -2.46
C GLY A 132 11.83 -27.67 -1.24
N LEU A 133 11.78 -26.35 -1.41
CA LEU A 133 11.76 -25.45 -0.27
C LEU A 133 10.44 -24.73 -0.14
N GLY A 134 9.55 -24.83 -1.12
CA GLY A 134 8.27 -24.15 -1.04
C GLY A 134 8.27 -22.84 -1.79
N ALA A 135 7.07 -22.25 -1.90
CA ALA A 135 6.83 -20.95 -2.51
C ALA A 135 6.22 -20.00 -1.49
N TYR A 136 6.60 -18.72 -1.59
CA TYR A 136 6.28 -17.73 -0.58
C TYR A 136 5.95 -16.40 -1.23
N VAL A 137 5.15 -15.61 -0.56
CA VAL A 137 5.09 -14.18 -0.88
C VAL A 137 5.37 -13.44 0.41
N ASN A 138 6.43 -12.63 0.41
CA ASN A 138 6.85 -11.89 1.60
C ASN A 138 6.90 -12.83 2.81
N GLY A 139 7.47 -14.00 2.65
CA GLY A 139 7.48 -14.82 3.88
C GLY A 139 6.15 -15.34 4.46
N LYS A 140 5.09 -15.40 3.64
CA LYS A 140 3.93 -16.26 3.84
C LYS A 140 3.95 -17.37 2.79
N ARG A 141 3.72 -18.61 3.20
CA ARG A 141 3.65 -19.73 2.26
C ARG A 141 2.43 -19.59 1.38
N ILE A 142 2.57 -19.94 0.11
CA ILE A 142 1.46 -19.84 -0.86
C ILE A 142 1.24 -21.20 -1.52
N LYS A 143 0.01 -21.41 -2.04
CA LYS A 143 -0.34 -22.62 -2.76
C LYS A 143 -1.45 -22.31 -3.76
N VAL A 144 -1.49 -23.10 -4.83
CA VAL A 144 -2.52 -22.90 -5.86
C VAL A 144 -3.89 -23.25 -5.27
N LYS A 145 -4.94 -22.66 -5.86
CA LYS A 145 -6.32 -22.89 -5.36
C LYS A 145 -6.79 -24.30 -5.76
N ASP A 146 -7.74 -24.86 -5.02
CA ASP A 146 -8.20 -26.23 -5.27
C ASP A 146 -9.33 -26.34 -6.29
N ASN A 147 -9.94 -25.26 -6.67
CA ASN A 147 -11.18 -25.30 -7.42
C ASN A 147 -11.06 -26.08 -8.72
N GLU A 148 -12.10 -26.87 -8.99
CA GLU A 148 -12.22 -27.55 -10.29
C GLU A 148 -13.44 -27.10 -11.07
N SER A 149 -14.25 -26.22 -10.51
CA SER A 149 -15.46 -25.75 -11.16
C SER A 149 -15.10 -24.69 -12.18
N LEU A 150 -15.41 -24.93 -13.46
CA LEU A 150 -14.99 -23.97 -14.47
C LEU A 150 -15.69 -22.62 -14.24
N LYS A 151 -17.00 -22.64 -13.91
CA LYS A 151 -17.72 -21.38 -13.76
C LYS A 151 -17.17 -20.53 -12.63
N HIS A 152 -16.49 -21.13 -11.67
CA HIS A 152 -15.87 -20.38 -10.59
C HIS A 152 -14.43 -20.01 -10.88
N ALA A 153 -13.84 -20.56 -11.91
CA ALA A 153 -12.44 -20.32 -12.20
C ALA A 153 -12.18 -18.93 -12.76
N GLY A 154 -11.01 -18.39 -12.43
CA GLY A 154 -10.45 -17.21 -13.07
C GLY A 154 -9.20 -17.60 -13.82
N VAL A 155 -9.05 -17.08 -15.05
CA VAL A 155 -7.90 -17.37 -15.91
C VAL A 155 -7.24 -16.08 -16.35
N VAL A 156 -5.90 -16.01 -16.18
CA VAL A 156 -5.14 -14.89 -16.71
C VAL A 156 -4.56 -15.28 -18.06
N TYR A 157 -4.49 -14.33 -18.97
CA TYR A 157 -4.03 -14.63 -20.31
C TYR A 157 -3.21 -13.48 -20.86
N GLY A 158 -2.41 -13.82 -21.85
CA GLY A 158 -1.74 -12.83 -22.66
C GLY A 158 -1.26 -13.39 -23.98
N PHE A 159 -1.21 -12.52 -24.97
CA PHE A 159 -0.57 -12.88 -26.24
C PHE A 159 -0.23 -11.58 -26.94
N PRO A 160 0.78 -11.59 -27.80
CA PRO A 160 1.30 -10.34 -28.36
C PRO A 160 0.49 -9.88 -29.56
N SER A 161 0.51 -8.59 -29.80
CA SER A 161 0.01 -8.06 -31.05
C SER A 161 1.14 -8.20 -32.08
N ARG A 162 0.83 -8.35 -33.34
CA ARG A 162 1.91 -8.65 -34.32
C ARG A 162 2.61 -9.92 -33.80
N SER A 163 1.93 -11.06 -33.85
CA SER A 163 2.44 -12.35 -33.31
C SER A 163 2.98 -13.27 -34.39
N ARG A 164 3.76 -14.28 -34.02
CA ARG A 164 4.24 -15.27 -34.97
C ARG A 164 3.11 -16.17 -35.48
N ARG A 165 2.19 -16.54 -34.61
CA ARG A 165 1.00 -17.26 -35.02
C ARG A 165 -0.07 -16.30 -35.50
N ASP A 166 -0.94 -16.79 -36.40
CA ASP A 166 -2.07 -15.94 -36.74
C ASP A 166 -2.91 -15.62 -35.50
N ILE A 167 -3.37 -14.36 -35.43
CA ILE A 167 -4.19 -13.92 -34.28
C ILE A 167 -5.41 -14.80 -34.10
N SER A 168 -5.94 -15.35 -35.21
CA SER A 168 -7.15 -16.16 -35.11
C SER A 168 -6.97 -17.35 -34.15
N ILE A 169 -5.76 -17.89 -34.06
CA ILE A 169 -5.51 -19.07 -33.19
C ILE A 169 -5.74 -18.63 -31.74
N TYR A 170 -5.21 -17.46 -31.36
CA TYR A 170 -5.32 -16.95 -29.98
C TYR A 170 -6.74 -16.52 -29.68
N LEU A 171 -7.42 -15.93 -30.65
CA LEU A 171 -8.83 -15.51 -30.45
C LEU A 171 -9.70 -16.76 -30.29
N ASN A 172 -9.40 -17.83 -31.01
CA ASN A 172 -10.20 -19.05 -30.89
C ASN A 172 -9.99 -19.73 -29.54
N ILE A 173 -8.72 -19.86 -29.12
CA ILE A 173 -8.45 -20.42 -27.78
C ILE A 173 -9.10 -19.56 -26.70
N PHE A 174 -8.93 -18.24 -26.79
CA PHE A 174 -9.56 -17.33 -25.86
C PHE A 174 -11.07 -17.54 -25.79
N LYS A 175 -11.75 -17.55 -26.93
CA LYS A 175 -13.22 -17.58 -26.95
C LYS A 175 -13.73 -18.87 -26.31
N ASP A 176 -13.06 -19.99 -26.54
CA ASP A 176 -13.56 -21.25 -26.02
C ASP A 176 -13.38 -21.31 -24.51
N VAL A 177 -12.24 -20.83 -24.01
CA VAL A 177 -12.01 -20.80 -22.56
C VAL A 177 -12.96 -19.80 -21.90
N PHE A 178 -13.09 -18.62 -22.53
CA PHE A 178 -13.96 -17.55 -22.06
C PHE A 178 -15.40 -18.00 -21.88
N TYR A 179 -15.91 -18.81 -22.80
CA TYR A 179 -17.29 -19.24 -22.72
C TYR A 179 -17.55 -20.05 -21.46
N GLU A 180 -16.56 -20.83 -21.00
CA GLU A 180 -16.78 -21.73 -19.89
C GLU A 180 -16.39 -21.18 -18.52
N VAL A 181 -15.36 -20.35 -18.43
CA VAL A 181 -14.81 -19.96 -17.11
C VAL A 181 -15.51 -18.74 -16.57
N GLY A 182 -15.41 -18.56 -15.25
CA GLY A 182 -16.03 -17.41 -14.63
C GLY A 182 -15.47 -16.07 -15.08
N SER A 183 -14.13 -15.95 -15.17
CA SER A 183 -13.56 -14.69 -15.63
C SER A 183 -12.23 -14.95 -16.32
N MET A 184 -11.89 -14.04 -17.21
CA MET A 184 -10.58 -13.96 -17.87
C MET A 184 -10.05 -12.56 -17.71
N ARG A 185 -8.75 -12.47 -17.37
CA ARG A 185 -8.14 -11.19 -17.11
C ARG A 185 -6.80 -11.10 -17.81
N ARG A 186 -6.46 -9.89 -18.27
CA ARG A 186 -5.25 -9.65 -19.06
C ARG A 186 -4.53 -8.50 -18.37
N PRO A 187 -3.65 -8.78 -17.40
CA PRO A 187 -3.02 -7.68 -16.67
C PRO A 187 -1.76 -7.15 -17.30
N GLY A 188 -1.13 -7.92 -18.21
CA GLY A 188 0.00 -7.40 -18.95
C GLY A 188 1.39 -7.63 -18.38
N ALA A 189 1.57 -8.59 -17.47
CA ALA A 189 2.92 -8.95 -17.02
C ALA A 189 2.88 -10.43 -16.70
N ALA A 190 3.51 -11.23 -17.59
CA ALA A 190 3.45 -12.68 -17.51
C ALA A 190 4.04 -13.23 -16.22
N ALA A 191 5.16 -12.65 -15.75
CA ALA A 191 5.73 -13.15 -14.49
C ALA A 191 4.78 -12.94 -13.34
N VAL A 192 4.03 -11.84 -13.35
CA VAL A 192 3.04 -11.60 -12.30
C VAL A 192 1.88 -12.58 -12.42
N ASP A 193 1.41 -12.84 -13.64
CA ASP A 193 0.39 -13.88 -13.87
C ASP A 193 0.77 -15.22 -13.25
N LEU A 194 2.03 -15.69 -13.45
CA LEU A 194 2.44 -16.96 -12.85
C LEU A 194 2.37 -16.92 -11.33
N CYS A 195 2.84 -15.82 -10.74
CA CYS A 195 2.76 -15.66 -9.30
C CYS A 195 1.35 -15.62 -8.78
N MET A 196 0.43 -14.98 -9.52
CA MET A 196 -0.96 -14.97 -9.06
C MET A 196 -1.65 -16.30 -9.15
N VAL A 197 -1.24 -17.17 -10.08
CA VAL A 197 -1.69 -18.55 -10.02
C VAL A 197 -1.09 -19.25 -8.80
N ALA A 198 0.22 -19.08 -8.61
CA ALA A 198 0.91 -19.69 -7.47
C ALA A 198 0.30 -19.28 -6.15
N GLU A 199 -0.19 -18.05 -6.05
CA GLU A 199 -0.75 -17.52 -4.81
C GLU A 199 -2.18 -18.00 -4.59
N GLY A 200 -2.81 -18.56 -5.59
CA GLY A 200 -4.18 -19.02 -5.42
C GLY A 200 -5.25 -18.01 -5.77
N ILE A 201 -4.89 -16.97 -6.52
CA ILE A 201 -5.85 -15.97 -6.98
C ILE A 201 -6.55 -16.44 -8.25
N PHE A 202 -5.76 -16.85 -9.23
CA PHE A 202 -6.28 -17.37 -10.49
C PHE A 202 -6.03 -18.85 -10.57
N ASP A 203 -7.00 -19.57 -11.12
CA ASP A 203 -6.92 -21.02 -11.26
C ASP A 203 -6.04 -21.45 -12.45
N GLY A 204 -5.94 -20.62 -13.48
CA GLY A 204 -5.24 -21.02 -14.69
C GLY A 204 -4.66 -19.83 -15.41
N MET A 205 -3.77 -20.16 -16.33
CA MET A 205 -3.15 -19.10 -17.15
C MET A 205 -2.73 -19.65 -18.51
N MET A 206 -2.76 -18.79 -19.51
CA MET A 206 -2.29 -19.13 -20.84
C MET A 206 -1.57 -17.92 -21.40
N GLU A 207 -0.29 -18.07 -21.70
CA GLU A 207 0.50 -16.94 -22.21
C GLU A 207 1.29 -17.46 -23.40
N PHE A 208 1.23 -16.74 -24.50
CA PHE A 208 1.79 -17.19 -25.76
C PHE A 208 2.97 -16.30 -26.14
N GLU A 209 3.96 -16.95 -26.78
CA GLU A 209 5.15 -16.25 -27.33
C GLU A 209 5.96 -15.65 -26.19
N MET A 210 6.30 -16.49 -25.23
CA MET A 210 7.11 -16.11 -24.07
C MET A 210 8.60 -16.29 -24.38
N LYS A 211 9.46 -15.60 -23.67
CA LYS A 211 10.92 -15.76 -23.76
C LYS A 211 11.33 -16.36 -22.42
N PRO A 212 12.51 -16.97 -22.28
CA PRO A 212 12.83 -17.68 -21.03
C PRO A 212 12.89 -16.77 -19.82
N TRP A 213 13.27 -15.51 -20.00
CA TRP A 213 13.26 -14.59 -18.86
C TRP A 213 11.84 -14.27 -18.40
N ASP A 214 10.84 -14.41 -19.28
CA ASP A 214 9.47 -14.14 -18.86
C ASP A 214 8.99 -15.11 -17.81
N ILE A 215 9.44 -16.36 -17.87
CA ILE A 215 8.76 -17.42 -17.17
C ILE A 215 9.61 -18.19 -16.18
N THR A 216 10.94 -18.14 -16.25
CA THR A 216 11.74 -19.08 -15.45
C THR A 216 11.44 -18.96 -13.95
N ALA A 217 11.50 -17.74 -13.40
CA ALA A 217 11.28 -17.60 -11.95
C ALA A 217 9.87 -18.03 -11.57
N GLY A 218 8.86 -17.56 -12.33
CA GLY A 218 7.48 -17.92 -12.05
C GLY A 218 7.21 -19.40 -12.10
N LEU A 219 7.89 -20.13 -12.99
CA LEU A 219 7.70 -21.58 -13.07
C LEU A 219 8.17 -22.30 -11.80
N VAL A 220 9.29 -21.86 -11.22
CA VAL A 220 9.78 -22.42 -9.97
C VAL A 220 8.75 -22.21 -8.88
N ILE A 221 8.28 -20.96 -8.76
CA ILE A 221 7.30 -20.57 -7.75
C ILE A 221 5.99 -21.33 -7.96
N LEU A 222 5.53 -21.43 -9.20
CA LEU A 222 4.30 -22.18 -9.47
C LEU A 222 4.44 -23.66 -9.09
N LYS A 223 5.55 -24.28 -9.44
CA LYS A 223 5.68 -25.69 -9.12
C LYS A 223 5.75 -25.90 -7.62
N GLU A 224 6.47 -25.02 -6.90
CA GLU A 224 6.54 -25.15 -5.44
C GLU A 224 5.20 -24.86 -4.77
N ALA A 225 4.31 -24.16 -5.46
CA ALA A 225 2.97 -23.88 -4.96
C ALA A 225 1.99 -25.00 -5.30
N GLY A 226 2.45 -26.04 -5.96
CA GLY A 226 1.58 -27.16 -6.27
C GLY A 226 0.93 -27.06 -7.64
N GLY A 227 1.30 -26.09 -8.47
CA GLY A 227 0.74 -25.94 -9.78
C GLY A 227 1.41 -26.86 -10.79
N VAL A 228 0.81 -26.92 -11.97
CA VAL A 228 1.34 -27.71 -13.05
C VAL A 228 1.33 -26.85 -14.30
N TYR A 229 2.22 -27.21 -15.23
CA TYR A 229 2.32 -26.44 -16.46
C TYR A 229 2.79 -27.28 -17.62
N THR A 230 2.50 -26.78 -18.82
CA THR A 230 2.96 -27.34 -20.09
C THR A 230 3.64 -26.20 -20.84
N LEU A 231 4.84 -26.45 -21.31
CA LEU A 231 5.60 -25.52 -22.12
C LEU A 231 5.59 -26.02 -23.55
N VAL A 232 5.09 -25.21 -24.45
CA VAL A 232 5.02 -25.56 -25.87
C VAL A 232 6.14 -24.85 -26.61
N GLY A 233 6.95 -25.60 -27.35
CA GLY A 233 7.99 -24.99 -28.15
C GLY A 233 9.35 -25.14 -27.48
N GLU A 234 10.27 -24.23 -27.84
CA GLU A 234 11.66 -24.39 -27.40
C GLU A 234 11.88 -23.64 -26.11
N PRO A 235 12.25 -24.34 -25.03
CA PRO A 235 12.47 -23.67 -23.73
C PRO A 235 13.41 -22.49 -23.78
N PHE A 236 14.49 -22.59 -24.54
CA PHE A 236 15.45 -21.51 -24.63
C PHE A 236 15.15 -20.61 -25.81
N GLY A 237 13.92 -20.68 -26.34
CA GLY A 237 13.54 -19.85 -27.48
C GLY A 237 12.20 -19.21 -27.17
N VAL A 238 11.31 -19.21 -28.16
CA VAL A 238 9.99 -18.65 -27.97
C VAL A 238 9.04 -19.79 -27.65
N SER A 239 8.40 -19.72 -26.51
CA SER A 239 7.57 -20.81 -25.99
C SER A 239 6.19 -20.28 -25.67
N ASP A 240 5.27 -21.19 -25.41
CA ASP A 240 3.97 -20.88 -24.86
C ASP A 240 3.80 -21.63 -23.55
N ILE A 241 3.12 -21.02 -22.60
N ILE A 241 3.13 -21.02 -22.59
CA ILE A 241 2.91 -21.64 -21.31
CA ILE A 241 2.92 -21.63 -21.28
C ILE A 241 1.41 -21.75 -21.06
C ILE A 241 1.42 -21.74 -21.04
N ILE A 242 0.99 -22.91 -20.65
CA ILE A 242 -0.35 -23.17 -20.14
C ILE A 242 -0.13 -23.72 -18.73
N ALA A 243 -0.75 -23.09 -17.73
CA ALA A 243 -0.43 -23.42 -16.34
C ALA A 243 -1.67 -23.30 -15.49
N GLY A 244 -1.64 -23.90 -14.30
CA GLY A 244 -2.77 -23.75 -13.40
C GLY A 244 -2.69 -24.75 -12.26
N ASN A 245 -3.81 -24.85 -11.55
CA ASN A 245 -4.06 -26.09 -10.85
C ASN A 245 -4.36 -27.17 -11.87
N LYS A 246 -4.51 -28.41 -11.39
CA LYS A 246 -4.53 -29.52 -12.32
C LYS A 246 -5.74 -29.43 -13.24
N ALA A 247 -6.89 -29.06 -12.68
CA ALA A 247 -8.14 -29.05 -13.43
C ALA A 247 -8.09 -27.99 -14.54
N LEU A 248 -7.68 -26.78 -14.19
CA LEU A 248 -7.66 -25.71 -15.19
C LEU A 248 -6.52 -25.84 -16.17
N HIS A 249 -5.35 -26.34 -15.75
CA HIS A 249 -4.31 -26.69 -16.72
C HIS A 249 -4.85 -27.67 -17.75
N ASP A 250 -5.53 -28.72 -17.30
CA ASP A 250 -5.95 -29.74 -18.24
C ASP A 250 -7.00 -29.18 -19.19
N PHE A 251 -7.92 -28.37 -18.68
CA PHE A 251 -8.99 -27.80 -19.52
C PHE A 251 -8.41 -26.87 -20.59
N ILE A 252 -7.55 -25.94 -20.19
CA ILE A 252 -6.96 -25.00 -21.13
C ILE A 252 -6.12 -25.74 -22.17
N LEU A 253 -5.37 -26.75 -21.73
CA LEU A 253 -4.58 -27.52 -22.68
C LEU A 253 -5.48 -28.24 -23.69
N GLN A 254 -6.59 -28.81 -23.23
CA GLN A 254 -7.45 -29.49 -24.19
C GLN A 254 -8.07 -28.53 -25.19
N VAL A 255 -8.37 -27.31 -24.78
CA VAL A 255 -8.84 -26.30 -25.73
C VAL A 255 -7.76 -25.95 -26.73
N ALA A 256 -6.57 -25.66 -26.24
CA ALA A 256 -5.48 -25.23 -27.12
C ALA A 256 -5.17 -26.28 -28.16
N LYS A 257 -5.29 -27.58 -27.80
CA LYS A 257 -4.95 -28.65 -28.72
C LYS A 257 -5.85 -28.69 -29.94
N LYS A 258 -7.02 -28.07 -29.89
CA LYS A 258 -7.86 -28.04 -31.08
C LYS A 258 -7.31 -27.13 -32.16
N TYR A 259 -6.49 -26.17 -31.77
CA TYR A 259 -6.09 -25.07 -32.63
C TYR A 259 -4.59 -25.01 -32.89
N MET A 260 -3.77 -25.61 -32.04
CA MET A 260 -2.33 -25.63 -32.24
C MET A 260 -1.80 -26.96 -31.72
N GLU A 261 -0.66 -27.39 -32.25
CA GLU A 261 0.02 -28.58 -31.72
C GLU A 261 0.69 -28.20 -30.40
N VAL A 262 0.58 -29.10 -29.41
CA VAL A 262 1.20 -28.83 -28.11
C VAL A 262 2.15 -29.96 -27.68
N ASN B 3 -25.44 23.80 -7.06
CA ASN B 3 -25.43 23.24 -5.70
C ASN B 3 -24.75 21.89 -5.57
N LEU B 4 -23.70 21.68 -6.33
CA LEU B 4 -23.23 20.31 -6.44
C LEU B 4 -22.40 19.86 -5.24
N LYS B 5 -21.88 20.78 -4.42
CA LYS B 5 -20.86 20.37 -3.46
C LYS B 5 -21.44 19.44 -2.42
N LYS B 6 -22.68 19.67 -1.97
CA LYS B 6 -23.24 18.79 -0.96
C LYS B 6 -23.51 17.40 -1.56
N TYR B 7 -24.04 17.32 -2.79
CA TYR B 7 -24.19 16.02 -3.44
C TYR B 7 -22.86 15.29 -3.53
N LEU B 8 -21.79 16.02 -3.88
CA LEU B 8 -20.50 15.39 -4.10
C LEU B 8 -19.95 14.82 -2.78
N GLU B 9 -20.01 15.59 -1.69
CA GLU B 9 -19.46 15.09 -0.42
C GLU B 9 -20.26 13.89 0.08
N VAL B 10 -21.58 13.87 -0.16
CA VAL B 10 -22.38 12.71 0.23
C VAL B 10 -22.03 11.49 -0.63
N ALA B 11 -21.84 11.69 -1.93
CA ALA B 11 -21.44 10.59 -2.81
C ALA B 11 -20.20 9.92 -2.28
N LYS B 12 -19.22 10.73 -1.87
CA LYS B 12 -17.95 10.20 -1.36
C LYS B 12 -18.16 9.43 -0.06
N ILE B 13 -18.92 10.02 0.88
CA ILE B 13 -19.22 9.33 2.14
C ILE B 13 -19.92 8.01 1.87
N ALA B 14 -20.91 8.01 0.96
CA ALA B 14 -21.63 6.76 0.64
C ALA B 14 -20.73 5.71 0.03
N ALA B 15 -19.84 6.11 -0.89
CA ALA B 15 -18.88 5.19 -1.46
C ALA B 15 -17.96 4.61 -0.38
N LEU B 16 -17.53 5.44 0.57
CA LEU B 16 -16.67 4.94 1.65
C LEU B 16 -17.43 3.94 2.53
N ALA B 17 -18.71 4.22 2.78
CA ALA B 17 -19.53 3.38 3.64
C ALA B 17 -19.65 1.98 3.04
N GLY B 18 -19.95 1.90 1.73
CA GLY B 18 -19.97 0.59 1.10
C GLY B 18 -18.58 -0.02 1.02
N GLY B 19 -17.58 0.81 0.76
CA GLY B 19 -16.23 0.29 0.65
C GLY B 19 -15.76 -0.39 1.93
N GLN B 20 -16.22 0.10 3.08
CA GLN B 20 -15.83 -0.49 4.37
C GLN B 20 -16.34 -1.93 4.50
N VAL B 21 -17.57 -2.20 4.02
CA VAL B 21 -18.07 -3.58 3.96
C VAL B 21 -17.14 -4.45 3.10
N LEU B 22 -16.68 -3.94 1.97
CA LEU B 22 -15.77 -4.69 1.08
C LEU B 22 -14.43 -4.93 1.81
N LYS B 23 -13.92 -3.94 2.49
CA LYS B 23 -12.61 -4.10 3.16
C LYS B 23 -12.73 -5.22 4.20
N GLU B 24 -13.80 -5.21 4.98
CA GLU B 24 -13.95 -6.16 6.11
C GLU B 24 -14.12 -7.59 5.64
N ASN B 25 -14.62 -7.83 4.43
CA ASN B 25 -14.94 -9.17 4.00
C ASN B 25 -14.01 -9.70 2.93
N PHE B 26 -13.01 -8.93 2.51
CA PHE B 26 -12.16 -9.31 1.41
C PHE B 26 -11.36 -10.54 1.78
N GLY B 27 -11.49 -11.58 0.99
CA GLY B 27 -10.87 -12.87 1.27
C GLY B 27 -11.72 -13.84 2.06
N LYS B 28 -12.96 -13.47 2.42
CA LYS B 28 -13.80 -14.29 3.27
C LYS B 28 -14.96 -14.96 2.53
N VAL B 29 -15.18 -14.66 1.26
CA VAL B 29 -16.37 -15.14 0.56
C VAL B 29 -16.05 -16.52 0.01
N LYS B 30 -16.74 -17.54 0.52
CA LYS B 30 -16.57 -18.92 0.12
C LYS B 30 -17.65 -19.32 -0.87
N LYS B 31 -17.42 -20.45 -1.55
CA LYS B 31 -18.43 -20.93 -2.48
C LYS B 31 -19.80 -21.00 -1.85
N GLU B 32 -19.85 -21.38 -0.56
CA GLU B 32 -21.10 -21.43 0.19
C GLU B 32 -21.90 -20.14 0.09
N ASN B 33 -21.21 -19.02 0.06
CA ASN B 33 -21.84 -17.70 0.15
C ASN B 33 -22.26 -17.14 -1.21
N ILE B 34 -21.93 -17.82 -2.31
CA ILE B 34 -22.09 -17.23 -3.63
C ILE B 34 -23.45 -17.65 -4.18
N GLU B 35 -24.27 -16.69 -4.57
CA GLU B 35 -25.46 -16.98 -5.36
C GLU B 35 -25.17 -16.76 -6.84
N GLU B 36 -25.77 -17.59 -7.68
CA GLU B 36 -25.68 -17.43 -9.15
C GLU B 36 -26.85 -16.56 -9.55
N LYS B 37 -26.61 -15.52 -10.33
CA LYS B 37 -27.69 -14.58 -10.73
C LYS B 37 -28.28 -15.06 -12.05
N GLY B 38 -27.49 -15.02 -13.13
CA GLY B 38 -27.93 -15.49 -14.44
C GLY B 38 -27.09 -16.66 -14.88
N GLU B 39 -26.56 -16.60 -16.10
CA GLU B 39 -25.76 -17.72 -16.67
C GLU B 39 -24.38 -17.75 -16.03
N LYS B 40 -23.71 -16.59 -15.83
CA LYS B 40 -22.36 -16.58 -15.30
C LYS B 40 -22.14 -15.63 -14.13
N ASP B 41 -23.15 -14.86 -13.71
CA ASP B 41 -22.94 -13.80 -12.74
C ASP B 41 -23.05 -14.34 -11.32
N PHE B 42 -22.25 -13.76 -10.43
CA PHE B 42 -22.22 -14.09 -9.00
C PHE B 42 -22.61 -12.86 -8.18
N VAL B 43 -23.21 -13.11 -7.02
CA VAL B 43 -23.48 -12.07 -6.02
C VAL B 43 -23.36 -12.76 -4.67
N SER B 44 -22.96 -12.00 -3.64
CA SER B 44 -22.91 -12.53 -2.29
C SER B 44 -23.48 -11.52 -1.33
N TYR B 45 -23.57 -11.92 -0.05
CA TYR B 45 -23.98 -10.99 0.99
C TYR B 45 -23.13 -9.72 1.00
N VAL B 46 -21.92 -9.76 0.47
CA VAL B 46 -21.07 -8.57 0.52
C VAL B 46 -21.63 -7.47 -0.39
N ASP B 47 -21.93 -7.82 -1.64
CA ASP B 47 -22.53 -6.88 -2.59
C ASP B 47 -23.78 -6.27 -1.98
N LYS B 48 -24.64 -7.11 -1.40
CA LYS B 48 -25.93 -6.60 -0.95
C LYS B 48 -25.80 -5.73 0.29
N THR B 49 -24.90 -6.07 1.20
CA THR B 49 -24.72 -5.26 2.40
C THR B 49 -24.13 -3.90 2.03
N SER B 50 -23.12 -3.89 1.16
CA SER B 50 -22.55 -2.65 0.65
C SER B 50 -23.66 -1.78 0.07
N GLU B 51 -24.51 -2.38 -0.77
CA GLU B 51 -25.58 -1.59 -1.38
C GLU B 51 -26.51 -1.01 -0.33
N GLU B 52 -26.89 -1.80 0.68
CA GLU B 52 -27.77 -1.29 1.73
C GLU B 52 -27.15 -0.06 2.40
N ARG B 53 -25.85 -0.13 2.72
CA ARG B 53 -25.19 0.98 3.41
C ARG B 53 -25.14 2.23 2.54
N ILE B 54 -24.79 2.07 1.27
CA ILE B 54 -24.72 3.20 0.36
C ILE B 54 -26.06 3.87 0.27
N LYS B 55 -27.11 3.07 0.06
CA LYS B 55 -28.46 3.63 -0.06
C LYS B 55 -28.89 4.37 1.18
N GLU B 56 -28.60 3.79 2.34
CA GLU B 56 -29.00 4.42 3.59
C GLU B 56 -28.36 5.78 3.72
N VAL B 57 -27.07 5.88 3.45
CA VAL B 57 -26.39 7.16 3.55
C VAL B 57 -27.06 8.18 2.64
N ILE B 58 -27.26 7.82 1.38
CA ILE B 58 -27.79 8.78 0.40
C ILE B 58 -29.16 9.26 0.84
N LEU B 59 -30.01 8.34 1.23
CA LEU B 59 -31.39 8.74 1.54
C LEU B 59 -31.51 9.46 2.88
N LYS B 60 -30.58 9.24 3.82
CA LYS B 60 -30.60 10.03 5.03
C LYS B 60 -30.35 11.51 4.73
N PHE B 61 -29.44 11.79 3.80
CA PHE B 61 -29.13 13.16 3.43
C PHE B 61 -30.15 13.74 2.45
N PHE B 62 -30.68 12.91 1.55
CA PHE B 62 -31.57 13.35 0.47
C PHE B 62 -32.77 12.43 0.41
N PRO B 63 -33.71 12.57 1.35
CA PRO B 63 -34.74 11.53 1.49
C PRO B 63 -35.69 11.44 0.33
N ASP B 64 -35.75 12.46 -0.52
CA ASP B 64 -36.65 12.49 -1.67
C ASP B 64 -36.00 12.03 -2.96
N HIS B 65 -34.71 11.69 -2.94
CA HIS B 65 -34.04 11.22 -4.15
C HIS B 65 -34.41 9.77 -4.47
N GLU B 66 -34.07 9.38 -5.68
CA GLU B 66 -34.22 7.99 -6.13
C GLU B 66 -32.85 7.33 -6.05
N VAL B 67 -32.82 6.08 -5.59
CA VAL B 67 -31.57 5.33 -5.58
C VAL B 67 -31.76 4.01 -6.32
N VAL B 68 -30.85 3.71 -7.23
CA VAL B 68 -30.94 2.52 -8.09
C VAL B 68 -29.65 1.73 -7.91
N GLY B 69 -29.73 0.55 -7.31
CA GLY B 69 -28.59 -0.31 -7.11
C GLY B 69 -28.68 -1.58 -7.94
N GLU B 70 -27.53 -2.13 -8.27
CA GLU B 70 -27.46 -3.32 -9.09
C GLU B 70 -28.20 -4.49 -8.47
N GLU B 71 -28.05 -4.68 -7.15
CA GLU B 71 -28.47 -5.95 -6.55
C GLU B 71 -29.88 -5.95 -6.01
N MET B 72 -30.41 -4.80 -5.54
CA MET B 72 -31.75 -4.78 -4.97
C MET B 72 -32.65 -3.76 -5.67
N GLY B 73 -32.18 -3.15 -6.75
CA GLY B 73 -33.05 -2.32 -7.55
C GLY B 73 -33.24 -0.92 -6.99
N ALA B 74 -34.38 -0.35 -7.31
CA ALA B 74 -34.64 1.05 -7.10
C ALA B 74 -35.47 1.27 -5.83
N GLU B 75 -35.22 2.41 -5.21
CA GLU B 75 -36.00 2.92 -4.09
C GLU B 75 -36.25 4.39 -4.36
N GLY B 76 -37.47 4.86 -4.05
CA GLY B 76 -37.84 6.26 -4.20
C GLY B 76 -39.23 6.37 -4.77
N SER B 77 -39.62 7.60 -5.09
CA SER B 77 -40.99 7.90 -5.47
C SER B 77 -40.99 8.81 -6.70
N GLY B 78 -39.99 8.64 -7.53
CA GLY B 78 -39.83 9.49 -8.67
C GLY B 78 -39.11 10.71 -8.16
N SER B 79 -38.02 11.03 -8.80
CA SER B 79 -37.30 12.25 -8.54
C SER B 79 -36.47 12.52 -9.77
N GLU B 80 -36.21 13.80 -9.99
CA GLU B 80 -35.24 14.21 -11.00
C GLU B 80 -33.85 13.72 -10.67
N TYR B 81 -33.58 13.50 -9.38
CA TYR B 81 -32.25 13.13 -8.90
C TYR B 81 -32.27 11.63 -8.72
N ARG B 82 -31.47 10.95 -9.53
CA ARG B 82 -31.37 9.50 -9.49
C ARG B 82 -29.93 9.10 -9.29
N TRP B 83 -29.68 8.33 -8.24
CA TRP B 83 -28.35 7.79 -7.98
C TRP B 83 -28.27 6.38 -8.56
N PHE B 84 -27.17 6.09 -9.24
CA PHE B 84 -26.89 4.77 -9.76
C PHE B 84 -25.66 4.22 -9.06
N ILE B 85 -25.90 3.10 -8.38
CA ILE B 85 -24.91 2.52 -7.46
C ILE B 85 -24.50 1.11 -7.83
N ASP B 86 -23.22 0.89 -8.00
CA ASP B 86 -22.68 -0.46 -8.09
C ASP B 86 -21.99 -0.71 -6.76
N PRO B 87 -22.57 -1.53 -5.89
CA PRO B 87 -21.98 -1.72 -4.53
C PRO B 87 -20.69 -2.51 -4.54
N LEU B 88 -20.38 -3.18 -5.66
CA LEU B 88 -19.12 -3.94 -5.80
C LEU B 88 -18.92 -4.13 -7.30
N ASP B 89 -18.12 -3.26 -7.91
CA ASP B 89 -17.74 -3.38 -9.30
C ASP B 89 -16.46 -4.22 -9.32
N GLY B 90 -16.52 -5.38 -9.97
CA GLY B 90 -15.43 -6.34 -9.89
C GLY B 90 -15.70 -7.46 -8.92
N THR B 91 -16.94 -7.98 -8.87
CA THR B 91 -17.29 -9.07 -7.98
C THR B 91 -16.42 -10.30 -8.21
N LYS B 92 -16.20 -10.71 -9.48
CA LYS B 92 -15.39 -11.93 -9.69
C LYS B 92 -13.97 -11.73 -9.20
N ASN B 93 -13.39 -10.56 -9.47
CA ASN B 93 -12.06 -10.22 -8.96
C ASN B 93 -12.03 -10.30 -7.44
N TYR B 94 -13.06 -9.72 -6.80
CA TYR B 94 -13.15 -9.69 -5.34
C TYR B 94 -13.16 -11.09 -4.73
N ILE B 95 -14.00 -11.96 -5.27
CA ILE B 95 -14.11 -13.33 -4.79
C ILE B 95 -12.80 -14.08 -4.97
N ASN B 96 -12.09 -13.84 -6.07
CA ASN B 96 -10.83 -14.51 -6.35
C ASN B 96 -9.66 -13.94 -5.53
N GLY B 97 -9.81 -12.76 -4.93
CA GLY B 97 -8.70 -12.11 -4.25
C GLY B 97 -7.85 -11.23 -5.14
N PHE B 98 -8.32 -10.87 -6.33
CA PHE B 98 -7.63 -9.95 -7.23
C PHE B 98 -8.12 -8.54 -6.91
N PRO B 99 -7.27 -7.65 -6.44
CA PRO B 99 -7.81 -6.49 -5.73
C PRO B 99 -8.28 -5.32 -6.58
N ILE B 100 -8.52 -5.53 -7.87
CA ILE B 100 -9.11 -4.51 -8.73
C ILE B 100 -10.63 -4.64 -8.60
N PHE B 101 -11.20 -3.85 -7.69
CA PHE B 101 -12.64 -3.80 -7.47
C PHE B 101 -12.95 -2.45 -6.85
N ALA B 102 -14.20 -2.03 -6.96
CA ALA B 102 -14.56 -0.68 -6.53
C ALA B 102 -16.03 -0.62 -6.13
N VAL B 103 -16.35 0.49 -5.49
CA VAL B 103 -17.72 0.92 -5.23
C VAL B 103 -17.95 2.13 -6.12
N SER B 104 -19.04 2.13 -6.88
CA SER B 104 -19.35 3.25 -7.79
C SER B 104 -20.67 3.90 -7.38
N VAL B 105 -20.63 5.19 -7.16
CA VAL B 105 -21.78 6.01 -6.70
C VAL B 105 -21.89 7.22 -7.62
N GLY B 106 -22.89 7.23 -8.48
CA GLY B 106 -23.08 8.34 -9.40
C GLY B 106 -24.47 8.92 -9.29
N LEU B 107 -24.57 10.22 -9.52
CA LEU B 107 -25.84 10.96 -9.49
C LEU B 107 -26.13 11.53 -10.88
N VAL B 108 -27.36 11.33 -11.35
CA VAL B 108 -27.85 11.99 -12.55
C VAL B 108 -28.98 12.92 -12.17
N LYS B 109 -29.05 14.03 -12.87
CA LYS B 109 -30.15 14.99 -12.75
C LYS B 109 -30.87 14.96 -14.09
N GLY B 110 -32.06 14.37 -14.10
CA GLY B 110 -32.72 14.06 -15.36
C GLY B 110 -31.98 12.99 -16.13
N GLU B 111 -31.28 13.39 -17.19
CA GLU B 111 -30.45 12.46 -17.93
C GLU B 111 -28.98 12.84 -17.89
N GLU B 112 -28.62 13.85 -17.12
CA GLU B 112 -27.26 14.35 -17.15
C GLU B 112 -26.51 13.84 -15.95
N PRO B 113 -25.43 13.10 -16.12
CA PRO B 113 -24.61 12.75 -14.95
C PRO B 113 -23.95 14.00 -14.40
N ILE B 114 -24.06 14.22 -13.09
CA ILE B 114 -23.52 15.44 -12.49
C ILE B 114 -22.53 15.21 -11.35
N VAL B 115 -22.52 14.07 -10.67
CA VAL B 115 -21.63 13.81 -9.53
C VAL B 115 -21.20 12.36 -9.61
N GLY B 116 -19.93 12.10 -9.31
CA GLY B 116 -19.45 10.73 -9.26
C GLY B 116 -18.38 10.52 -8.19
N ALA B 117 -18.44 9.34 -7.54
CA ALA B 117 -17.38 8.86 -6.67
C ALA B 117 -17.22 7.38 -6.92
N VAL B 118 -15.96 6.96 -7.11
CA VAL B 118 -15.55 5.57 -7.31
C VAL B 118 -14.41 5.29 -6.33
N TYR B 119 -14.64 4.36 -5.42
CA TYR B 119 -13.71 4.04 -4.34
C TYR B 119 -13.11 2.68 -4.58
N LEU B 120 -11.78 2.60 -4.58
CA LEU B 120 -11.09 1.31 -4.65
C LEU B 120 -10.62 0.97 -3.24
N PRO B 121 -11.33 0.09 -2.51
CA PRO B 121 -11.02 -0.03 -1.07
C PRO B 121 -9.65 -0.63 -0.78
N TYR B 122 -9.20 -1.53 -1.63
CA TYR B 122 -7.93 -2.19 -1.32
C TYR B 122 -6.78 -1.20 -1.34
N PHE B 123 -6.82 -0.26 -2.28
CA PHE B 123 -5.78 0.74 -2.46
C PHE B 123 -6.10 2.07 -1.78
N ASP B 124 -7.25 2.17 -1.10
CA ASP B 124 -7.75 3.41 -0.50
C ASP B 124 -7.57 4.58 -1.46
N LYS B 125 -8.12 4.43 -2.64
CA LYS B 125 -8.07 5.45 -3.67
C LYS B 125 -9.47 5.86 -4.02
N LEU B 126 -9.80 7.12 -3.79
CA LEU B 126 -11.14 7.64 -4.04
C LEU B 126 -11.08 8.61 -5.21
N TYR B 127 -11.66 8.22 -6.34
CA TYR B 127 -11.83 9.11 -7.48
C TYR B 127 -13.15 9.85 -7.31
N TRP B 128 -13.16 11.13 -7.61
CA TRP B 128 -14.40 11.90 -7.43
C TRP B 128 -14.43 13.09 -8.37
N GLY B 129 -15.61 13.54 -8.70
CA GLY B 129 -15.77 14.67 -9.59
C GLY B 129 -17.21 15.11 -9.65
N ALA B 130 -17.39 16.34 -10.08
CA ALA B 130 -18.74 16.87 -10.30
C ALA B 130 -18.69 17.91 -11.41
N LYS B 131 -19.82 18.05 -12.10
CA LYS B 131 -19.92 18.93 -13.26
C LYS B 131 -19.41 20.33 -12.93
N GLY B 132 -18.39 20.77 -13.66
CA GLY B 132 -17.81 22.07 -13.47
C GLY B 132 -16.83 22.23 -12.33
N LEU B 133 -16.60 21.19 -11.53
CA LEU B 133 -15.74 21.29 -10.37
C LEU B 133 -14.43 20.53 -10.53
N GLY B 134 -14.26 19.76 -11.60
CA GLY B 134 -13.04 19.01 -11.80
C GLY B 134 -13.16 17.57 -11.36
N ALA B 135 -12.12 16.80 -11.70
CA ALA B 135 -11.93 15.42 -11.30
C ALA B 135 -10.67 15.26 -10.48
N TYR B 136 -10.73 14.36 -9.49
CA TYR B 136 -9.69 14.24 -8.48
C TYR B 136 -9.49 12.78 -8.13
N VAL B 137 -8.30 12.45 -7.65
CA VAL B 137 -8.08 11.19 -6.98
C VAL B 137 -7.43 11.54 -5.64
N ASN B 138 -8.12 11.20 -4.54
CA ASN B 138 -7.65 11.56 -3.20
C ASN B 138 -7.30 13.04 -3.15
N GLY B 139 -8.11 13.89 -3.74
CA GLY B 139 -7.68 15.31 -3.67
C GLY B 139 -6.36 15.71 -4.35
N LYS B 140 -5.96 15.00 -5.40
CA LYS B 140 -5.07 15.49 -6.45
C LYS B 140 -5.88 15.62 -7.74
N ARG B 141 -5.76 16.75 -8.45
CA ARG B 141 -6.52 16.91 -9.69
C ARG B 141 -5.98 15.95 -10.73
N ILE B 142 -6.86 15.44 -11.59
CA ILE B 142 -6.48 14.47 -12.63
C ILE B 142 -6.98 14.94 -14.00
N LYS B 143 -6.30 14.47 -15.05
CA LYS B 143 -6.67 14.81 -16.41
C LYS B 143 -6.26 13.67 -17.35
N VAL B 144 -7.00 13.54 -18.45
CA VAL B 144 -6.69 12.49 -19.43
C VAL B 144 -5.35 12.78 -20.09
N LYS B 145 -4.69 11.75 -20.61
CA LYS B 145 -3.36 11.91 -21.25
C LYS B 145 -3.52 12.56 -22.63
N ASP B 146 -2.47 13.24 -23.12
CA ASP B 146 -2.53 13.95 -24.40
C ASP B 146 -2.22 13.11 -25.63
N ASN B 147 -1.68 11.94 -25.46
CA ASN B 147 -1.11 11.19 -26.55
C ASN B 147 -2.10 10.94 -27.70
N GLU B 148 -1.58 11.08 -28.91
CA GLU B 148 -2.32 10.76 -30.13
C GLU B 148 -1.69 9.61 -30.89
N SER B 149 -0.51 9.15 -30.46
CA SER B 149 0.21 8.09 -31.14
C SER B 149 -0.38 6.73 -30.78
N LEU B 150 -0.93 6.03 -31.78
CA LEU B 150 -1.58 4.77 -31.46
C LEU B 150 -0.60 3.78 -30.84
N LYS B 151 0.63 3.71 -31.37
CA LYS B 151 1.56 2.70 -30.88
C LYS B 151 1.98 2.95 -29.45
N HIS B 152 1.83 4.18 -28.97
CA HIS B 152 2.08 4.47 -27.57
C HIS B 152 0.84 4.34 -26.69
N ALA B 153 -0.32 4.21 -27.28
CA ALA B 153 -1.55 4.17 -26.51
C ALA B 153 -1.75 2.85 -25.78
N GLY B 154 -2.37 2.94 -24.61
CA GLY B 154 -2.92 1.82 -23.89
C GLY B 154 -4.44 1.93 -23.85
N VAL B 155 -5.12 0.79 -24.06
CA VAL B 155 -6.56 0.73 -24.10
C VAL B 155 -7.05 -0.35 -23.14
N VAL B 156 -8.04 0.02 -22.28
CA VAL B 156 -8.64 -0.97 -21.39
C VAL B 156 -9.93 -1.43 -22.03
N TYR B 157 -10.25 -2.69 -21.87
CA TYR B 157 -11.43 -3.24 -22.53
C TYR B 157 -12.13 -4.23 -21.62
N GLY B 158 -13.39 -4.46 -21.94
CA GLY B 158 -14.14 -5.56 -21.35
C GLY B 158 -15.35 -5.91 -22.17
N PHE B 159 -15.75 -7.15 -22.11
CA PHE B 159 -17.05 -7.58 -22.61
C PHE B 159 -17.39 -8.89 -21.94
N PRO B 160 -18.68 -9.23 -21.86
CA PRO B 160 -19.11 -10.38 -21.05
C PRO B 160 -19.03 -11.67 -21.84
N SER B 161 -18.94 -12.76 -21.08
CA SER B 161 -18.76 -14.08 -21.71
C SER B 161 -20.06 -14.74 -22.14
N ARG B 162 -21.18 -14.28 -21.69
CA ARG B 162 -22.45 -14.76 -22.26
C ARG B 162 -23.11 -13.48 -22.73
N SER B 163 -22.91 -13.15 -24.00
CA SER B 163 -23.20 -11.80 -24.46
C SER B 163 -24.43 -11.78 -25.33
N ARG B 164 -25.11 -10.64 -25.30
CA ARG B 164 -26.23 -10.42 -26.19
C ARG B 164 -25.79 -10.38 -27.65
N ARG B 165 -24.68 -9.72 -27.93
CA ARG B 165 -24.08 -9.73 -29.26
C ARG B 165 -23.26 -10.98 -29.46
N ASP B 166 -23.16 -11.42 -30.72
CA ASP B 166 -22.26 -12.53 -31.03
C ASP B 166 -20.83 -12.17 -30.63
N ILE B 167 -20.13 -13.14 -30.03
CA ILE B 167 -18.76 -12.92 -29.57
C ILE B 167 -17.87 -12.44 -30.72
N SER B 168 -18.18 -12.84 -31.95
CA SER B 168 -17.33 -12.47 -33.07
C SER B 168 -17.27 -10.96 -33.24
N ILE B 169 -18.33 -10.23 -32.88
CA ILE B 169 -18.26 -8.77 -32.99
C ILE B 169 -17.18 -8.22 -32.08
N TYR B 170 -17.16 -8.67 -30.83
CA TYR B 170 -16.19 -8.15 -29.84
C TYR B 170 -14.79 -8.63 -30.18
N LEU B 171 -14.65 -9.84 -30.70
CA LEU B 171 -13.31 -10.33 -31.09
C LEU B 171 -12.79 -9.51 -32.28
N ASN B 172 -13.66 -9.13 -33.22
CA ASN B 172 -13.24 -8.36 -34.38
C ASN B 172 -12.84 -6.94 -34.00
N ILE B 173 -13.64 -6.29 -33.14
CA ILE B 173 -13.28 -4.95 -32.65
C ILE B 173 -11.98 -5.00 -31.88
N PHE B 174 -11.86 -5.96 -30.95
CA PHE B 174 -10.64 -6.18 -30.22
C PHE B 174 -9.43 -6.33 -31.15
N LYS B 175 -9.54 -7.20 -32.17
CA LYS B 175 -8.34 -7.54 -32.91
C LYS B 175 -7.84 -6.33 -33.72
N ASP B 176 -8.78 -5.52 -34.22
CA ASP B 176 -8.38 -4.38 -35.04
C ASP B 176 -7.73 -3.27 -34.19
N VAL B 177 -8.27 -3.04 -32.99
CA VAL B 177 -7.65 -2.07 -32.09
C VAL B 177 -6.31 -2.61 -31.61
N PHE B 178 -6.28 -3.88 -31.27
CA PHE B 178 -5.07 -4.55 -30.76
C PHE B 178 -3.91 -4.46 -31.74
N TYR B 179 -4.19 -4.60 -33.02
CA TYR B 179 -3.13 -4.56 -34.02
C TYR B 179 -2.40 -3.22 -34.00
N GLU B 180 -3.11 -2.12 -33.75
CA GLU B 180 -2.56 -0.79 -33.85
C GLU B 180 -2.01 -0.20 -32.56
N VAL B 181 -2.60 -0.50 -31.41
CA VAL B 181 -2.23 0.21 -30.17
C VAL B 181 -1.09 -0.49 -29.47
N GLY B 182 -0.45 0.25 -28.59
CA GLY B 182 0.66 -0.30 -27.84
C GLY B 182 0.29 -1.43 -26.91
N SER B 183 -0.82 -1.29 -26.17
CA SER B 183 -1.23 -2.36 -25.27
C SER B 183 -2.74 -2.32 -25.06
N MET B 184 -3.27 -3.47 -24.80
CA MET B 184 -4.66 -3.65 -24.36
C MET B 184 -4.69 -4.44 -23.08
N ARG B 185 -5.51 -3.98 -22.14
CA ARG B 185 -5.57 -4.60 -20.83
C ARG B 185 -7.01 -4.81 -20.43
N ARG B 186 -7.25 -5.92 -19.69
CA ARG B 186 -8.58 -6.32 -19.25
C ARG B 186 -8.53 -6.56 -17.75
N PRO B 187 -8.75 -5.50 -16.94
CA PRO B 187 -8.60 -5.66 -15.50
C PRO B 187 -9.86 -6.16 -14.80
N GLY B 188 -11.04 -6.04 -15.44
CA GLY B 188 -12.23 -6.63 -14.88
C GLY B 188 -13.13 -5.78 -14.00
N ALA B 189 -13.02 -4.46 -14.07
CA ALA B 189 -13.91 -3.60 -13.28
C ALA B 189 -14.07 -2.32 -14.10
N ALA B 190 -15.24 -2.18 -14.73
CA ALA B 190 -15.49 -1.11 -15.69
C ALA B 190 -15.39 0.27 -15.03
N ALA B 191 -15.87 0.42 -13.79
CA ALA B 191 -15.79 1.73 -13.14
C ALA B 191 -14.33 2.13 -12.94
N VAL B 192 -13.48 1.15 -12.63
CA VAL B 192 -12.06 1.44 -12.44
C VAL B 192 -11.41 1.80 -13.77
N ASP B 193 -11.78 1.10 -14.85
CA ASP B 193 -11.30 1.44 -16.20
C ASP B 193 -11.58 2.89 -16.56
N LEU B 194 -12.81 3.37 -16.30
CA LEU B 194 -13.14 4.77 -16.57
C LEU B 194 -12.24 5.71 -15.77
N CYS B 195 -12.01 5.40 -14.48
CA CYS B 195 -11.15 6.22 -13.66
C CYS B 195 -9.71 6.20 -14.13
N MET B 196 -9.24 5.08 -14.67
CA MET B 196 -7.82 4.99 -15.11
C MET B 196 -7.65 5.79 -16.40
N VAL B 197 -8.68 5.91 -17.25
CA VAL B 197 -8.59 6.84 -18.35
C VAL B 197 -8.60 8.28 -17.84
N ALA B 198 -9.51 8.58 -16.90
CA ALA B 198 -9.58 9.92 -16.32
C ALA B 198 -8.28 10.34 -15.68
N GLU B 199 -7.53 9.39 -15.12
CA GLU B 199 -6.27 9.67 -14.42
C GLU B 199 -5.11 9.86 -15.38
N GLY B 200 -5.28 9.45 -16.63
CA GLY B 200 -4.19 9.58 -17.60
C GLY B 200 -3.30 8.36 -17.70
N ILE B 201 -3.76 7.21 -17.23
CA ILE B 201 -3.00 5.96 -17.34
C ILE B 201 -3.26 5.33 -18.71
N PHE B 202 -4.51 5.15 -19.05
CA PHE B 202 -4.90 4.59 -20.34
C PHE B 202 -5.48 5.67 -21.21
N ASP B 203 -5.19 5.60 -22.50
CA ASP B 203 -5.68 6.59 -23.43
C ASP B 203 -7.12 6.35 -23.89
N GLY B 204 -7.59 5.09 -23.83
CA GLY B 204 -8.90 4.75 -24.34
C GLY B 204 -9.47 3.55 -23.64
N MET B 205 -10.76 3.32 -23.89
CA MET B 205 -11.51 2.26 -23.24
C MET B 205 -12.69 1.88 -24.10
N MET B 206 -13.02 0.58 -24.08
CA MET B 206 -14.19 0.09 -24.77
C MET B 206 -14.80 -0.98 -23.88
N GLU B 207 -16.02 -0.79 -23.44
CA GLU B 207 -16.65 -1.76 -22.56
C GLU B 207 -18.06 -1.97 -23.07
N PHE B 208 -18.45 -3.23 -23.21
CA PHE B 208 -19.68 -3.60 -23.88
C PHE B 208 -20.66 -4.20 -22.88
N GLU B 209 -21.93 -3.90 -23.08
CA GLU B 209 -23.04 -4.50 -22.33
C GLU B 209 -22.95 -4.07 -20.87
N MET B 210 -22.86 -2.76 -20.73
CA MET B 210 -22.83 -2.09 -19.41
C MET B 210 -24.23 -1.77 -18.93
N LYS B 211 -24.38 -1.61 -17.62
CA LYS B 211 -25.65 -1.19 -16.98
C LYS B 211 -25.38 0.20 -16.42
N PRO B 212 -26.39 0.99 -16.07
CA PRO B 212 -26.12 2.40 -15.69
C PRO B 212 -25.29 2.53 -14.44
N TRP B 213 -25.39 1.60 -13.50
CA TRP B 213 -24.55 1.69 -12.31
C TRP B 213 -23.10 1.43 -12.62
N ASP B 214 -22.79 0.73 -13.74
CA ASP B 214 -21.40 0.47 -14.08
C ASP B 214 -20.67 1.75 -14.43
N ILE B 215 -21.37 2.71 -15.03
CA ILE B 215 -20.68 3.79 -15.72
C ILE B 215 -21.00 5.18 -15.22
N THR B 216 -22.09 5.42 -14.49
CA THR B 216 -22.51 6.80 -14.25
C THR B 216 -21.43 7.63 -13.56
N ALA B 217 -20.90 7.13 -12.42
CA ALA B 217 -19.89 7.92 -11.69
C ALA B 217 -18.64 8.14 -12.52
N GLY B 218 -18.14 7.08 -13.18
CA GLY B 218 -16.97 7.19 -14.00
C GLY B 218 -17.12 8.16 -15.15
N LEU B 219 -18.34 8.28 -15.73
CA LEU B 219 -18.55 9.23 -16.82
C LEU B 219 -18.40 10.67 -16.36
N VAL B 220 -18.91 11.01 -15.16
CA VAL B 220 -18.73 12.33 -14.58
C VAL B 220 -17.25 12.63 -14.42
N ILE B 221 -16.52 11.68 -13.82
CA ILE B 221 -15.10 11.83 -13.56
C ILE B 221 -14.32 11.96 -14.87
N LEU B 222 -14.65 11.12 -15.85
CA LEU B 222 -13.98 11.20 -17.15
C LEU B 222 -14.22 12.55 -17.83
N LYS B 223 -15.46 13.03 -17.83
CA LYS B 223 -15.71 14.31 -18.50
C LYS B 223 -15.00 15.44 -17.78
N GLU B 224 -15.00 15.45 -16.45
CA GLU B 224 -14.29 16.51 -15.71
C GLU B 224 -12.78 16.42 -15.93
N ALA B 225 -12.28 15.26 -16.32
CA ALA B 225 -10.86 15.07 -16.60
C ALA B 225 -10.51 15.45 -18.04
N GLY B 226 -11.49 15.89 -18.82
CA GLY B 226 -11.26 16.27 -20.20
C GLY B 226 -11.41 15.16 -21.22
N GLY B 227 -11.93 13.98 -20.81
CA GLY B 227 -12.16 12.90 -21.72
C GLY B 227 -13.46 13.05 -22.48
N VAL B 228 -13.63 12.19 -23.47
CA VAL B 228 -14.86 12.18 -24.26
C VAL B 228 -15.33 10.75 -24.37
N TYR B 229 -16.63 10.60 -24.57
CA TYR B 229 -17.19 9.26 -24.69
C TYR B 229 -18.41 9.21 -25.60
N THR B 230 -18.69 8.03 -26.06
CA THR B 230 -19.88 7.73 -26.85
C THR B 230 -20.58 6.57 -26.13
N LEU B 231 -21.86 6.73 -25.88
CA LEU B 231 -22.70 5.69 -25.28
C LEU B 231 -23.59 5.14 -26.38
N VAL B 232 -23.47 3.86 -26.63
CA VAL B 232 -24.26 3.17 -27.66
C VAL B 232 -25.41 2.43 -26.99
N GLY B 233 -26.62 2.63 -27.44
CA GLY B 233 -27.76 1.93 -26.85
C GLY B 233 -28.52 2.81 -25.86
N GLU B 234 -29.27 2.12 -24.97
CA GLU B 234 -30.20 2.85 -24.08
C GLU B 234 -29.49 3.18 -22.78
N PRO B 235 -29.34 4.47 -22.46
CA PRO B 235 -28.59 4.84 -21.23
C PRO B 235 -29.15 4.23 -19.96
N PHE B 236 -30.46 4.08 -19.85
CA PHE B 236 -31.05 3.45 -18.69
C PHE B 236 -31.25 1.96 -18.89
N GLY B 237 -30.56 1.36 -19.87
CA GLY B 237 -30.68 -0.05 -20.15
C GLY B 237 -29.28 -0.60 -20.30
N VAL B 238 -29.10 -1.48 -21.28
CA VAL B 238 -27.80 -2.09 -21.54
C VAL B 238 -27.14 -1.27 -22.64
N SER B 239 -26.00 -0.69 -22.34
CA SER B 239 -25.32 0.23 -23.24
C SER B 239 -23.90 -0.27 -23.49
N ASP B 240 -23.23 0.36 -24.44
CA ASP B 240 -21.80 0.18 -24.63
C ASP B 240 -21.12 1.54 -24.53
N ILE B 241 -19.90 1.55 -24.00
N ILE B 241 -19.91 1.56 -23.98
CA ILE B 241 -19.18 2.78 -23.83
CA ILE B 241 -19.19 2.80 -23.81
C ILE B 241 -17.86 2.69 -24.59
C ILE B 241 -17.87 2.71 -24.56
N ILE B 242 -17.59 3.71 -25.38
CA ILE B 242 -16.29 3.93 -26.00
C ILE B 242 -15.82 5.28 -25.47
N ALA B 243 -14.63 5.32 -24.88
CA ALA B 243 -14.21 6.52 -24.16
C ALA B 243 -12.71 6.70 -24.33
N GLY B 244 -12.23 7.92 -24.11
CA GLY B 244 -10.80 8.11 -24.11
C GLY B 244 -10.45 9.59 -24.14
N ASN B 245 -9.20 9.85 -24.45
CA ASN B 245 -8.88 11.17 -24.97
C ASN B 245 -9.47 11.24 -26.39
N LYS B 246 -9.39 12.42 -27.00
CA LYS B 246 -10.12 12.62 -28.24
C LYS B 246 -9.60 11.68 -29.33
N ALA B 247 -8.28 11.51 -29.41
CA ALA B 247 -7.68 10.70 -30.45
C ALA B 247 -8.10 9.24 -30.33
N LEU B 248 -7.97 8.66 -29.13
CA LEU B 248 -8.27 7.24 -28.97
C LEU B 248 -9.77 6.99 -29.00
N HIS B 249 -10.60 7.92 -28.47
CA HIS B 249 -12.05 7.78 -28.62
C HIS B 249 -12.41 7.70 -30.10
N ASP B 250 -11.86 8.60 -30.90
CA ASP B 250 -12.23 8.60 -32.32
C ASP B 250 -11.78 7.32 -33.02
N PHE B 251 -10.56 6.86 -32.74
CA PHE B 251 -10.04 5.65 -33.37
C PHE B 251 -10.89 4.43 -33.01
N ILE B 252 -11.14 4.22 -31.72
CA ILE B 252 -11.93 3.06 -31.30
C ILE B 252 -13.33 3.13 -31.86
N LEU B 253 -13.93 4.32 -31.89
CA LEU B 253 -15.27 4.45 -32.45
C LEU B 253 -15.26 4.09 -33.95
N GLN B 254 -14.23 4.52 -34.68
CA GLN B 254 -14.20 4.22 -36.11
C GLN B 254 -14.05 2.71 -36.37
N VAL B 255 -13.30 2.01 -35.51
CA VAL B 255 -13.22 0.55 -35.60
C VAL B 255 -14.56 -0.10 -35.32
N ALA B 256 -15.20 0.31 -34.24
CA ALA B 256 -16.46 -0.33 -33.85
C ALA B 256 -17.52 -0.16 -34.89
N LYS B 257 -17.52 0.98 -35.59
CA LYS B 257 -18.50 1.25 -36.62
C LYS B 257 -18.46 0.25 -37.77
N LYS B 258 -17.33 -0.45 -37.95
CA LYS B 258 -17.26 -1.43 -39.02
C LYS B 258 -18.10 -2.67 -38.70
N TYR B 259 -18.36 -2.90 -37.42
CA TYR B 259 -18.90 -4.16 -36.94
C TYR B 259 -20.23 -4.04 -36.23
N MET B 260 -20.58 -2.86 -35.73
CA MET B 260 -21.87 -2.66 -35.05
C MET B 260 -22.34 -1.26 -35.38
N GLU B 261 -23.64 -1.04 -35.29
CA GLU B 261 -24.17 0.31 -35.40
C GLU B 261 -23.89 1.07 -34.12
N VAL B 262 -23.29 2.25 -34.24
CA VAL B 262 -22.94 3.06 -33.07
C VAL B 262 -23.80 4.32 -33.02
N ALA B 263 -24.75 4.47 -33.93
CA ALA B 263 -25.67 5.61 -33.96
C ALA B 263 -24.91 6.91 -34.06
N LEU C 4 -27.55 -1.30 19.02
CA LEU C 4 -26.10 -1.11 19.17
C LEU C 4 -25.33 -1.23 17.85
N LYS C 5 -25.74 -2.19 17.04
CA LYS C 5 -25.08 -2.44 15.76
C LYS C 5 -25.21 -1.26 14.82
N LYS C 6 -26.38 -0.61 14.81
CA LYS C 6 -26.55 0.58 13.98
C LYS C 6 -25.69 1.72 14.49
N TYR C 7 -25.72 1.96 15.80
CA TYR C 7 -24.81 2.94 16.39
C TYR C 7 -23.38 2.69 15.92
N LEU C 8 -22.96 1.42 15.90
CA LEU C 8 -21.56 1.12 15.60
C LEU C 8 -21.24 1.34 14.13
N GLU C 9 -22.14 0.95 13.22
CA GLU C 9 -21.89 1.18 11.81
C GLU C 9 -21.94 2.67 11.46
N VAL C 10 -22.77 3.45 12.16
CA VAL C 10 -22.79 4.89 11.90
C VAL C 10 -21.52 5.55 12.43
N ALA C 11 -21.05 5.10 13.60
CA ALA C 11 -19.79 5.61 14.13
C ALA C 11 -18.67 5.43 13.11
N LYS C 12 -18.59 4.24 12.49
CA LYS C 12 -17.53 3.95 11.53
C LYS C 12 -17.65 4.84 10.31
N ILE C 13 -18.88 5.00 9.80
CA ILE C 13 -19.09 5.84 8.63
C ILE C 13 -18.73 7.29 8.96
N ALA C 14 -19.15 7.76 10.13
CA ALA C 14 -18.82 9.12 10.56
C ALA C 14 -17.30 9.33 10.64
N ALA C 15 -16.58 8.34 11.19
CA ALA C 15 -15.14 8.45 11.30
C ALA C 15 -14.49 8.49 9.92
N LEU C 16 -15.00 7.69 8.98
CA LEU C 16 -14.46 7.70 7.63
C LEU C 16 -14.73 9.03 6.95
N ALA C 17 -15.86 9.64 7.25
CA ALA C 17 -16.22 10.89 6.61
C ALA C 17 -15.31 12.02 7.05
N GLY C 18 -15.06 12.12 8.36
CA GLY C 18 -14.06 13.06 8.85
C GLY C 18 -12.68 12.73 8.33
N GLY C 19 -12.37 11.43 8.24
CA GLY C 19 -11.07 11.01 7.78
C GLY C 19 -10.78 11.41 6.35
N GLN C 20 -11.81 11.50 5.52
CA GLN C 20 -11.54 11.84 4.11
C GLN C 20 -11.12 13.31 3.99
N VAL C 21 -11.67 14.18 4.82
CA VAL C 21 -11.19 15.55 4.91
C VAL C 21 -9.70 15.55 5.27
N LEU C 22 -9.32 14.75 6.28
CA LEU C 22 -7.91 14.70 6.67
C LEU C 22 -7.04 14.21 5.53
N LYS C 23 -7.49 13.18 4.79
CA LYS C 23 -6.72 12.64 3.69
C LYS C 23 -6.48 13.67 2.60
N GLU C 24 -7.50 14.44 2.25
CA GLU C 24 -7.39 15.33 1.10
C GLU C 24 -6.48 16.51 1.38
N ASN C 25 -6.30 16.87 2.64
CA ASN C 25 -5.54 18.05 3.01
C ASN C 25 -4.19 17.74 3.64
N PHE C 26 -3.79 16.48 3.73
CA PHE C 26 -2.52 16.15 4.37
C PHE C 26 -1.37 16.67 3.53
N GLY C 27 -0.49 17.42 4.15
CA GLY C 27 0.59 18.07 3.45
C GLY C 27 0.30 19.49 3.01
N LYS C 28 -0.95 19.90 3.04
CA LYS C 28 -1.37 21.16 2.42
C LYS C 28 -1.52 22.30 3.42
N VAL C 29 -1.51 22.01 4.72
CA VAL C 29 -1.73 23.06 5.70
C VAL C 29 -0.46 23.92 5.83
N PHE C 42 -3.42 24.32 19.10
CA PHE C 42 -3.39 24.49 17.64
C PHE C 42 -4.56 23.84 16.91
N VAL C 43 -5.11 24.58 15.94
CA VAL C 43 -6.24 24.09 15.14
C VAL C 43 -6.18 24.75 13.76
N SER C 44 -6.80 24.09 12.77
CA SER C 44 -6.91 24.66 11.44
C SER C 44 -8.30 24.37 10.87
N TYR C 45 -8.53 24.84 9.64
CA TYR C 45 -9.78 24.57 8.95
C TYR C 45 -10.02 23.07 8.77
N VAL C 46 -8.95 22.27 8.72
CA VAL C 46 -9.13 20.83 8.54
C VAL C 46 -9.86 20.23 9.73
N ASP C 47 -9.37 20.51 10.94
CA ASP C 47 -10.05 20.09 12.16
C ASP C 47 -11.53 20.46 12.13
N LYS C 48 -11.81 21.73 11.81
CA LYS C 48 -13.18 22.21 11.89
C LYS C 48 -14.07 21.53 10.84
N THR C 49 -13.57 21.41 9.61
CA THR C 49 -14.35 20.79 8.53
C THR C 49 -14.59 19.32 8.85
N SER C 50 -13.56 18.62 9.35
CA SER C 50 -13.76 17.23 9.73
C SER C 50 -14.85 17.14 10.80
N GLU C 51 -14.81 18.03 11.78
CA GLU C 51 -15.82 17.96 12.84
C GLU C 51 -17.23 18.15 12.27
N GLU C 52 -17.38 19.07 11.31
CA GLU C 52 -18.70 19.29 10.69
C GLU C 52 -19.21 18.01 10.03
N ARG C 53 -18.37 17.34 9.24
CA ARG C 53 -18.80 16.15 8.52
C ARG C 53 -19.22 15.05 9.49
N ILE C 54 -18.45 14.86 10.57
CA ILE C 54 -18.76 13.80 11.54
C ILE C 54 -20.13 14.06 12.17
N LYS C 55 -20.35 15.29 12.62
CA LYS C 55 -21.61 15.62 13.29
C LYS C 55 -22.80 15.47 12.35
N GLU C 56 -22.67 15.97 11.12
CA GLU C 56 -23.72 15.82 10.11
C GLU C 56 -24.14 14.36 9.95
N VAL C 57 -23.16 13.48 9.72
CA VAL C 57 -23.45 12.06 9.54
C VAL C 57 -24.23 11.53 10.74
N ILE C 58 -23.72 11.78 11.95
CA ILE C 58 -24.36 11.22 13.13
C ILE C 58 -25.78 11.73 13.28
N LEU C 59 -25.97 13.06 13.11
CA LEU C 59 -27.27 13.66 13.36
C LEU C 59 -28.27 13.34 12.27
N LYS C 60 -27.81 13.05 11.04
CA LYS C 60 -28.75 12.60 10.02
C LYS C 60 -29.36 11.26 10.41
N PHE C 61 -28.57 10.38 11.01
CA PHE C 61 -29.06 9.06 11.40
C PHE C 61 -29.77 9.07 12.76
N PHE C 62 -29.35 9.94 13.69
CA PHE C 62 -29.87 9.98 15.07
C PHE C 62 -30.14 11.44 15.42
N PRO C 63 -31.21 12.02 14.86
CA PRO C 63 -31.40 13.47 14.99
C PRO C 63 -31.62 13.95 16.40
N ASP C 64 -32.00 13.05 17.32
CA ASP C 64 -32.27 13.43 18.70
C ASP C 64 -31.11 13.14 19.64
N HIS C 65 -29.96 12.70 19.11
CA HIS C 65 -28.76 12.49 19.93
C HIS C 65 -27.99 13.80 20.14
N GLU C 66 -27.10 13.79 21.13
CA GLU C 66 -26.19 14.91 21.39
C GLU C 66 -24.81 14.57 20.83
N VAL C 67 -24.21 15.49 20.07
CA VAL C 67 -22.86 15.32 19.56
C VAL C 67 -21.95 16.40 20.13
N VAL C 68 -20.84 15.96 20.73
CA VAL C 68 -19.89 16.84 21.41
C VAL C 68 -18.53 16.70 20.75
N GLY C 69 -18.07 17.80 20.15
CA GLY C 69 -16.78 17.81 19.48
C GLY C 69 -15.76 18.73 20.11
N GLU C 70 -14.47 18.48 19.83
CA GLU C 70 -13.41 19.27 20.46
C GLU C 70 -13.48 20.74 20.06
N GLU C 71 -13.83 21.05 18.81
CA GLU C 71 -13.64 22.42 18.34
C GLU C 71 -14.88 23.30 18.40
N MET C 72 -16.08 22.71 18.46
CA MET C 72 -17.32 23.50 18.42
C MET C 72 -18.29 23.10 19.52
N GLY C 73 -17.89 22.23 20.44
CA GLY C 73 -18.75 21.88 21.55
C GLY C 73 -19.94 21.03 21.12
N ALA C 74 -21.03 21.19 21.89
CA ALA C 74 -22.31 20.54 21.58
C ALA C 74 -23.30 21.58 21.03
N SER C 79 -28.97 14.85 25.69
CA SER C 79 -29.53 13.56 25.31
C SER C 79 -28.95 12.48 26.21
N GLU C 80 -29.67 11.35 26.31
CA GLU C 80 -29.10 10.17 26.94
C GLU C 80 -27.96 9.60 26.09
N TYR C 81 -28.05 9.78 24.79
CA TYR C 81 -27.03 9.31 23.85
C TYR C 81 -26.11 10.48 23.51
N ARG C 82 -24.86 10.37 23.94
CA ARG C 82 -23.87 11.44 23.78
C ARG C 82 -22.66 10.92 23.02
N TRP C 83 -22.44 11.46 21.83
CA TRP C 83 -21.24 11.20 21.04
C TRP C 83 -20.14 12.18 21.44
N PHE C 84 -18.93 11.68 21.63
CA PHE C 84 -17.76 12.52 21.85
C PHE C 84 -16.78 12.29 20.71
N ILE C 85 -16.49 13.35 19.96
CA ILE C 85 -15.70 13.19 18.74
C ILE C 85 -14.49 14.11 18.79
N ASP C 86 -13.32 13.55 18.47
CA ASP C 86 -12.15 14.32 18.12
C ASP C 86 -11.96 14.29 16.61
N PRO C 87 -12.16 15.41 15.90
CA PRO C 87 -12.07 15.41 14.44
C PRO C 87 -10.66 15.27 13.90
N LEU C 88 -9.65 15.46 14.76
CA LEU C 88 -8.27 15.27 14.34
C LEU C 88 -7.45 15.13 15.63
N ASP C 89 -7.15 13.90 15.99
CA ASP C 89 -6.31 13.62 17.15
C ASP C 89 -4.89 13.49 16.64
N GLY C 90 -4.00 14.39 17.09
CA GLY C 90 -2.67 14.45 16.50
C GLY C 90 -2.46 15.62 15.55
N THR C 91 -3.01 16.78 15.92
CA THR C 91 -2.97 17.91 14.99
C THR C 91 -1.53 18.33 14.69
N LYS C 92 -0.68 18.42 15.72
CA LYS C 92 0.70 18.83 15.48
C LYS C 92 1.43 17.86 14.57
N ASN C 93 1.25 16.56 14.79
CA ASN C 93 1.79 15.59 13.87
C ASN C 93 1.28 15.84 12.45
N TYR C 94 -0.04 15.98 12.33
CA TYR C 94 -0.67 16.16 11.02
C TYR C 94 -0.03 17.33 10.26
N ILE C 95 0.16 18.46 10.94
CA ILE C 95 0.71 19.65 10.29
C ILE C 95 2.16 19.45 9.90
N ASN C 96 2.94 18.71 10.70
CA ASN C 96 4.34 18.45 10.35
C ASN C 96 4.51 17.38 9.28
N GLY C 97 3.48 16.62 8.95
CA GLY C 97 3.65 15.52 8.05
C GLY C 97 4.01 14.21 8.71
N PHE C 98 3.88 14.11 10.02
CA PHE C 98 4.10 12.83 10.72
C PHE C 98 2.77 12.09 10.79
N PRO C 99 2.65 10.92 10.15
CA PRO C 99 1.32 10.38 9.83
C PRO C 99 0.58 9.75 11.00
N ILE C 100 1.04 9.87 12.23
CA ILE C 100 0.31 9.33 13.38
C ILE C 100 -0.76 10.33 13.81
N PHE C 101 -1.95 10.20 13.24
CA PHE C 101 -3.10 11.00 13.60
C PHE C 101 -4.36 10.19 13.28
N ALA C 102 -5.48 10.59 13.87
CA ALA C 102 -6.70 9.80 13.75
C ALA C 102 -7.93 10.69 13.88
N VAL C 103 -9.07 10.12 13.54
CA VAL C 103 -10.39 10.63 13.87
C VAL C 103 -10.96 9.70 14.94
N SER C 104 -11.47 10.25 16.04
CA SER C 104 -12.08 9.44 17.10
C SER C 104 -13.55 9.77 17.26
N VAL C 105 -14.40 8.74 17.22
CA VAL C 105 -15.85 8.86 17.32
C VAL C 105 -16.31 7.86 18.37
N GLY C 106 -16.74 8.37 19.52
CA GLY C 106 -17.20 7.53 20.62
C GLY C 106 -18.61 7.90 21.05
N LEU C 107 -19.37 6.89 21.48
CA LEU C 107 -20.72 7.08 21.99
C LEU C 107 -20.82 6.62 23.44
N VAL C 108 -21.45 7.45 24.26
CA VAL C 108 -21.73 7.14 25.66
C VAL C 108 -23.24 7.07 25.80
N LYS C 109 -23.74 6.09 26.56
CA LYS C 109 -25.15 6.04 26.93
C LYS C 109 -25.17 6.27 28.44
N GLY C 110 -25.49 7.49 28.84
CA GLY C 110 -25.43 7.89 30.23
C GLY C 110 -24.03 8.25 30.65
N GLU C 111 -23.36 7.35 31.37
CA GLU C 111 -21.94 7.48 31.67
C GLU C 111 -21.13 6.30 31.19
N GLU C 112 -21.74 5.31 30.49
CA GLU C 112 -21.02 4.15 30.00
C GLU C 112 -20.67 4.37 28.53
N PRO C 113 -19.39 4.31 28.17
CA PRO C 113 -19.02 4.19 26.75
C PRO C 113 -19.53 2.88 26.13
N ILE C 114 -20.15 2.97 24.95
CA ILE C 114 -20.74 1.76 24.38
C ILE C 114 -20.31 1.45 22.96
N VAL C 115 -19.93 2.48 22.20
CA VAL C 115 -19.52 2.33 20.80
C VAL C 115 -18.25 3.14 20.57
N GLY C 116 -17.34 2.62 19.75
CA GLY C 116 -16.11 3.34 19.47
C GLY C 116 -15.54 3.06 18.08
N ALA C 117 -15.20 4.12 17.34
CA ALA C 117 -14.50 4.02 16.07
C ALA C 117 -13.34 5.01 16.07
N VAL C 118 -12.16 4.53 15.75
CA VAL C 118 -10.95 5.36 15.61
C VAL C 118 -10.32 5.03 14.26
N TYR C 119 -10.14 6.04 13.42
CA TYR C 119 -9.69 5.87 12.06
C TYR C 119 -8.36 6.58 11.87
N LEU C 120 -7.36 5.82 11.39
CA LEU C 120 -6.05 6.34 11.03
C LEU C 120 -6.04 6.54 9.51
N PRO C 121 -6.30 7.76 9.00
CA PRO C 121 -6.50 7.93 7.56
C PRO C 121 -5.27 7.62 6.73
N TYR C 122 -4.08 7.90 7.24
CA TYR C 122 -2.91 7.71 6.41
C TYR C 122 -2.67 6.24 6.15
N PHE C 123 -2.96 5.39 7.13
CA PHE C 123 -2.74 3.95 7.03
C PHE C 123 -4.00 3.18 6.65
N ASP C 124 -5.10 3.89 6.46
CA ASP C 124 -6.42 3.28 6.21
C ASP C 124 -6.67 2.13 7.18
N LYS C 125 -6.54 2.45 8.47
CA LYS C 125 -6.73 1.51 9.56
C LYS C 125 -7.87 2.01 10.43
N LEU C 126 -8.96 1.25 10.49
CA LEU C 126 -10.15 1.58 11.26
C LEU C 126 -10.26 0.64 12.45
N TYR C 127 -10.09 1.17 13.65
CA TYR C 127 -10.34 0.41 14.87
C TYR C 127 -11.79 0.62 15.27
N TRP C 128 -12.45 -0.47 15.68
CA TRP C 128 -13.85 -0.31 16.05
C TRP C 128 -14.27 -1.35 17.06
N GLY C 129 -15.39 -1.07 17.73
CA GLY C 129 -15.82 -1.88 18.85
C GLY C 129 -17.07 -1.35 19.52
N ALA C 130 -17.81 -2.25 20.17
CA ALA C 130 -19.03 -1.89 20.86
C ALA C 130 -19.24 -2.87 22.01
N LYS C 131 -19.82 -2.37 23.10
CA LYS C 131 -20.05 -3.18 24.29
C LYS C 131 -20.63 -4.54 23.92
N GLY C 132 -19.91 -5.59 24.26
CA GLY C 132 -20.39 -6.95 24.07
C GLY C 132 -20.22 -7.52 22.69
N LEU C 133 -19.63 -6.77 21.76
CA LEU C 133 -19.53 -7.20 20.38
C LEU C 133 -18.10 -7.35 19.89
N GLY C 134 -17.11 -7.12 20.75
CA GLY C 134 -15.72 -7.32 20.38
C GLY C 134 -15.06 -6.06 19.85
N ALA C 135 -13.72 -6.14 19.77
CA ALA C 135 -12.88 -5.11 19.19
C ALA C 135 -12.28 -5.61 17.89
N TYR C 136 -12.10 -4.70 16.94
CA TYR C 136 -11.64 -5.05 15.60
C TYR C 136 -10.74 -3.96 15.04
N VAL C 137 -9.89 -4.36 14.08
CA VAL C 137 -9.18 -3.41 13.24
C VAL C 137 -9.43 -3.85 11.80
N ASN C 138 -10.04 -2.98 11.01
CA ASN C 138 -10.60 -3.36 9.70
C ASN C 138 -11.42 -4.64 9.82
N GLY C 139 -11.01 -5.72 9.16
CA GLY C 139 -11.78 -6.93 9.27
C GLY C 139 -11.30 -7.94 10.31
N LYS C 140 -10.55 -7.52 11.31
CA LYS C 140 -9.78 -8.43 12.15
C LYS C 140 -10.03 -8.20 13.63
N ARG C 141 -10.32 -9.30 14.35
CA ARG C 141 -10.49 -9.26 15.79
C ARG C 141 -9.16 -8.95 16.47
N ILE C 142 -9.20 -8.15 17.54
CA ILE C 142 -7.98 -7.78 18.26
C ILE C 142 -8.21 -8.05 19.74
N LYS C 143 -7.11 -8.11 20.47
CA LYS C 143 -7.13 -8.42 21.89
C LYS C 143 -5.84 -7.87 22.48
N VAL C 144 -5.93 -7.40 23.73
CA VAL C 144 -4.73 -6.89 24.39
C VAL C 144 -3.77 -8.06 24.55
N LYS C 145 -2.49 -7.73 24.71
CA LYS C 145 -1.48 -8.77 24.69
C LYS C 145 -1.41 -9.48 26.03
N ASP C 146 -1.18 -10.79 25.96
CA ASP C 146 -1.07 -11.67 27.13
C ASP C 146 0.39 -11.67 27.56
N ASN C 147 0.78 -10.61 28.27
CA ASN C 147 2.14 -10.46 28.78
C ASN C 147 2.09 -9.90 30.19
N GLU C 148 3.06 -10.32 31.02
CA GLU C 148 3.16 -9.84 32.39
C GLU C 148 4.58 -9.45 32.81
N SER C 149 5.59 -9.74 32.00
CA SER C 149 6.96 -9.37 32.35
C SER C 149 7.15 -7.89 32.04
N LEU C 150 7.57 -7.11 33.03
CA LEU C 150 7.76 -5.69 32.78
C LEU C 150 8.92 -5.46 31.83
N LYS C 151 9.93 -6.34 31.87
CA LYS C 151 11.10 -6.17 31.03
C LYS C 151 10.74 -6.22 29.55
N HIS C 152 9.70 -6.96 29.20
CA HIS C 152 9.24 -7.11 27.82
C HIS C 152 8.14 -6.12 27.49
N ALA C 153 7.91 -5.13 28.34
CA ALA C 153 6.75 -4.27 28.18
C ALA C 153 7.09 -3.02 27.39
N GLY C 154 6.14 -2.60 26.56
CA GLY C 154 6.18 -1.30 25.93
C GLY C 154 5.04 -0.43 26.47
N VAL C 155 5.36 0.82 26.77
CA VAL C 155 4.36 1.77 27.27
C VAL C 155 4.35 3.03 26.40
N VAL C 156 3.18 3.48 26.03
CA VAL C 156 3.02 4.75 25.33
C VAL C 156 2.61 5.80 26.35
N TYR C 157 3.08 7.02 26.16
CA TYR C 157 2.83 8.07 27.14
C TYR C 157 2.64 9.39 26.42
N GLY C 158 2.12 10.37 27.17
CA GLY C 158 1.91 11.68 26.63
C GLY C 158 1.55 12.65 27.75
N PHE C 159 2.01 13.89 27.66
CA PHE C 159 1.52 14.93 28.55
C PHE C 159 1.91 16.29 28.01
N PRO C 160 1.15 17.35 28.32
CA PRO C 160 1.35 18.68 27.74
C PRO C 160 2.29 19.57 28.55
N ILE C 167 4.47 19.55 36.83
CA ILE C 167 5.21 19.05 35.69
C ILE C 167 6.22 18.03 36.16
N SER C 168 6.94 18.40 37.21
CA SER C 168 7.87 17.47 37.84
C SER C 168 7.16 16.21 38.28
N ILE C 169 5.86 16.29 38.50
CA ILE C 169 5.11 15.09 38.87
C ILE C 169 5.08 14.13 37.69
N TYR C 170 4.69 14.62 36.53
CA TYR C 170 4.67 13.79 35.34
C TYR C 170 6.04 13.17 35.07
N LEU C 171 7.11 13.96 35.20
CA LEU C 171 8.45 13.44 34.96
C LEU C 171 8.80 12.35 35.98
N ASN C 172 8.32 12.46 37.21
CA ASN C 172 8.62 11.45 38.23
C ASN C 172 7.88 10.15 37.97
N ILE C 173 6.60 10.24 37.58
CA ILE C 173 5.88 9.05 37.17
C ILE C 173 6.56 8.42 35.96
N PHE C 174 6.94 9.26 34.99
CA PHE C 174 7.64 8.77 33.80
C PHE C 174 8.84 7.92 34.20
N LYS C 175 9.67 8.44 35.12
CA LYS C 175 10.92 7.76 35.44
C LYS C 175 10.70 6.44 36.16
N ASP C 176 9.73 6.39 37.06
CA ASP C 176 9.47 5.14 37.79
C ASP C 176 9.02 4.05 36.82
N VAL C 177 8.14 4.40 35.88
CA VAL C 177 7.76 3.43 34.85
C VAL C 177 8.94 3.15 33.94
N PHE C 178 9.65 4.20 33.52
CA PHE C 178 10.84 4.07 32.68
C PHE C 178 11.76 2.95 33.13
N TYR C 179 12.13 2.97 34.42
CA TYR C 179 13.17 2.07 34.90
C TYR C 179 12.78 0.62 34.83
N GLU C 180 11.48 0.33 34.87
CA GLU C 180 11.00 -1.04 35.00
C GLU C 180 10.54 -1.66 33.68
N VAL C 181 10.23 -0.88 32.65
CA VAL C 181 9.63 -1.42 31.44
C VAL C 181 10.63 -1.45 30.29
N GLY C 182 10.29 -2.23 29.26
CA GLY C 182 11.19 -2.43 28.14
C GLY C 182 11.41 -1.17 27.32
N SER C 183 10.35 -0.42 27.04
CA SER C 183 10.52 0.79 26.26
C SER C 183 9.37 1.74 26.56
N MET C 184 9.63 3.02 26.35
CA MET C 184 8.58 4.03 26.38
C MET C 184 8.58 4.86 25.11
N ARG C 185 7.40 5.05 24.54
CA ARG C 185 7.22 5.72 23.26
C ARG C 185 6.17 6.81 23.39
N ARG C 186 6.39 7.91 22.68
CA ARG C 186 5.50 9.07 22.71
C ARG C 186 5.07 9.37 21.28
N PRO C 187 4.01 8.71 20.77
CA PRO C 187 3.64 8.92 19.37
C PRO C 187 2.88 10.20 19.08
N GLY C 188 2.17 10.73 20.09
CA GLY C 188 1.55 12.04 20.00
C GLY C 188 0.10 12.06 19.55
N ALA C 189 -0.60 10.93 19.63
CA ALA C 189 -2.04 10.88 19.35
C ALA C 189 -2.66 9.90 20.34
N ALA C 190 -3.35 10.43 21.35
CA ALA C 190 -3.82 9.62 22.46
C ALA C 190 -4.81 8.55 22.02
N ALA C 191 -5.69 8.88 21.05
CA ALA C 191 -6.65 7.88 20.58
C ALA C 191 -5.96 6.75 19.87
N VAL C 192 -4.86 7.05 19.18
CA VAL C 192 -4.09 6.00 18.53
C VAL C 192 -3.36 5.16 19.58
N ASP C 193 -2.81 5.83 20.59
CA ASP C 193 -2.14 5.13 21.70
C ASP C 193 -3.07 4.07 22.30
N LEU C 194 -4.34 4.44 22.54
CA LEU C 194 -5.28 3.49 23.14
C LEU C 194 -5.50 2.30 22.22
N CYS C 195 -5.73 2.57 20.93
CA CYS C 195 -5.97 1.49 19.99
C CYS C 195 -4.79 0.54 19.90
N MET C 196 -3.58 1.07 20.04
CA MET C 196 -2.40 0.21 19.90
C MET C 196 -2.25 -0.67 21.13
N VAL C 197 -2.71 -0.18 22.28
CA VAL C 197 -2.83 -1.04 23.43
C VAL C 197 -3.89 -2.11 23.17
N ALA C 198 -5.04 -1.71 22.61
CA ALA C 198 -6.11 -2.65 22.35
C ALA C 198 -5.70 -3.70 21.31
N GLU C 199 -4.77 -3.37 20.43
CA GLU C 199 -4.35 -4.28 19.38
C GLU C 199 -3.24 -5.22 19.83
N GLY C 200 -2.60 -4.91 20.96
CA GLY C 200 -1.56 -5.76 21.51
C GLY C 200 -0.15 -5.36 21.15
N ILE C 201 0.05 -4.15 20.66
CA ILE C 201 1.41 -3.68 20.36
C ILE C 201 2.07 -3.15 21.62
N PHE C 202 1.32 -2.40 22.44
CA PHE C 202 1.82 -1.84 23.68
C PHE C 202 1.07 -2.45 24.85
N ASP C 203 1.79 -2.61 25.95
CA ASP C 203 1.24 -3.26 27.13
C ASP C 203 0.41 -2.30 27.97
N GLY C 204 0.84 -1.04 28.08
CA GLY C 204 0.13 -0.05 28.85
C GLY C 204 0.32 1.33 28.28
N MET C 205 -0.40 2.29 28.87
CA MET C 205 -0.28 3.68 28.46
C MET C 205 -0.57 4.58 29.66
N MET C 206 0.12 5.73 29.67
CA MET C 206 -0.02 6.77 30.68
C MET C 206 -0.25 8.08 29.96
N GLU C 207 -1.48 8.62 30.01
CA GLU C 207 -1.75 9.90 29.35
C GLU C 207 -2.44 10.81 30.34
N PHE C 208 -1.92 12.03 30.44
CA PHE C 208 -2.41 13.01 31.43
C PHE C 208 -3.07 14.21 30.73
N GLU C 209 -4.04 14.83 31.39
CA GLU C 209 -4.68 16.08 30.87
C GLU C 209 -5.46 15.68 29.63
N MET C 210 -6.36 14.72 29.81
CA MET C 210 -7.16 14.18 28.69
C MET C 210 -8.55 14.80 28.72
N LYS C 211 -9.22 14.81 27.59
CA LYS C 211 -10.59 15.21 27.40
C LYS C 211 -11.43 14.03 26.90
N PRO C 212 -12.75 14.04 27.12
CA PRO C 212 -13.54 12.84 26.84
C PRO C 212 -13.54 12.43 25.39
N TRP C 213 -13.35 13.38 24.46
CA TRP C 213 -13.25 12.99 23.05
C TRP C 213 -11.92 12.34 22.73
N ASP C 214 -10.89 12.56 23.55
CA ASP C 214 -9.60 11.93 23.32
C ASP C 214 -9.69 10.41 23.52
N ILE C 215 -10.56 9.97 24.43
CA ILE C 215 -10.47 8.63 24.99
C ILE C 215 -11.75 7.81 24.85
N THR C 216 -12.91 8.43 24.61
CA THR C 216 -14.15 7.68 24.71
C THR C 216 -14.16 6.49 23.75
N ALA C 217 -13.90 6.74 22.46
CA ALA C 217 -13.94 5.66 21.50
C ALA C 217 -12.93 4.56 21.87
N GLY C 218 -11.70 4.96 22.19
CA GLY C 218 -10.63 4.03 22.52
C GLY C 218 -10.83 3.27 23.81
N LEU C 219 -11.63 3.81 24.73
CA LEU C 219 -12.00 3.07 25.92
C LEU C 219 -12.92 1.90 25.58
N VAL C 220 -13.87 2.12 24.66
CA VAL C 220 -14.75 1.03 24.25
C VAL C 220 -13.94 -0.07 23.58
N ILE C 221 -13.11 0.32 22.63
CA ILE C 221 -12.28 -0.64 21.91
C ILE C 221 -11.37 -1.37 22.88
N LEU C 222 -10.79 -0.64 23.83
CA LEU C 222 -9.85 -1.25 24.77
C LEU C 222 -10.54 -2.26 25.68
N LYS C 223 -11.72 -1.93 26.19
CA LYS C 223 -12.44 -2.86 27.06
C LYS C 223 -12.85 -4.12 26.30
N GLU C 224 -13.41 -3.95 25.10
CA GLU C 224 -13.76 -5.09 24.24
C GLU C 224 -12.54 -5.92 23.85
N ALA C 225 -11.35 -5.32 23.87
CA ALA C 225 -10.13 -6.08 23.58
C ALA C 225 -9.58 -6.76 24.82
N GLY C 226 -10.35 -6.81 25.90
CA GLY C 226 -9.89 -7.41 27.14
C GLY C 226 -9.02 -6.52 27.99
N GLY C 227 -8.99 -5.22 27.73
CA GLY C 227 -8.16 -4.33 28.50
C GLY C 227 -8.87 -3.83 29.75
N VAL C 228 -8.12 -3.06 30.55
CA VAL C 228 -8.63 -2.46 31.76
C VAL C 228 -8.07 -1.04 31.88
N TYR C 229 -8.82 -0.17 32.54
CA TYR C 229 -8.36 1.20 32.65
C TYR C 229 -8.91 1.82 33.91
N THR C 230 -8.20 2.84 34.39
CA THR C 230 -8.64 3.70 35.47
C THR C 230 -8.55 5.13 34.99
N LEU C 231 -9.62 5.90 35.17
CA LEU C 231 -9.61 7.33 34.88
C LEU C 231 -9.45 8.09 36.19
N VAL C 232 -8.58 9.11 36.18
CA VAL C 232 -8.27 9.91 37.36
C VAL C 232 -8.72 11.33 37.07
N GLY C 233 -9.67 11.82 37.87
CA GLY C 233 -10.25 13.13 37.65
C GLY C 233 -11.73 13.02 37.28
N GLU C 234 -12.14 13.86 36.34
CA GLU C 234 -13.53 13.93 35.90
C GLU C 234 -13.62 13.31 34.51
N PRO C 235 -14.14 12.10 34.35
CA PRO C 235 -14.23 11.51 33.01
C PRO C 235 -14.90 12.42 31.99
N PHE C 236 -15.88 13.23 32.42
CA PHE C 236 -16.57 14.14 31.51
C PHE C 236 -15.90 15.50 31.44
N GLY C 237 -14.82 15.71 32.19
CA GLY C 237 -14.02 16.90 32.05
C GLY C 237 -12.58 16.54 31.74
N VAL C 238 -11.64 17.02 32.54
CA VAL C 238 -10.23 16.71 32.32
C VAL C 238 -9.85 15.52 33.18
N SER C 239 -9.18 14.54 32.58
CA SER C 239 -8.81 13.35 33.32
C SER C 239 -7.43 12.87 32.93
N ASP C 240 -6.93 11.91 33.70
CA ASP C 240 -5.73 11.15 33.36
C ASP C 240 -6.13 9.70 33.20
N ILE C 241 -5.55 9.03 32.22
CA ILE C 241 -5.91 7.65 31.92
C ILE C 241 -4.69 6.77 32.16
N ILE C 242 -4.92 5.66 32.86
CA ILE C 242 -3.96 4.58 33.02
C ILE C 242 -4.63 3.33 32.44
N ALA C 243 -3.99 2.72 31.44
CA ALA C 243 -4.66 1.60 30.78
C ALA C 243 -3.62 0.60 30.33
N GLY C 244 -4.07 -0.63 30.10
CA GLY C 244 -3.17 -1.67 29.65
C GLY C 244 -3.82 -3.03 29.78
N ASN C 245 -3.02 -4.06 29.55
CA ASN C 245 -3.39 -5.36 30.09
C ASN C 245 -3.36 -5.26 31.61
N LYS C 246 -4.02 -6.21 32.28
CA LYS C 246 -4.14 -6.19 33.73
C LYS C 246 -2.80 -5.91 34.42
N ALA C 247 -1.70 -6.40 33.84
CA ALA C 247 -0.41 -6.32 34.53
C ALA C 247 0.15 -4.91 34.50
N LEU C 248 0.17 -4.26 33.33
CA LEU C 248 0.77 -2.92 33.29
C LEU C 248 -0.17 -1.86 33.85
N HIS C 249 -1.50 -2.07 33.78
CA HIS C 249 -2.40 -1.16 34.47
C HIS C 249 -2.06 -1.09 35.95
N ASP C 250 -1.87 -2.26 36.57
CA ASP C 250 -1.61 -2.30 38.01
C ASP C 250 -0.27 -1.67 38.36
N PHE C 251 0.78 -2.02 37.62
CA PHE C 251 2.09 -1.45 37.91
C PHE C 251 2.06 0.07 37.78
N ILE C 252 1.48 0.56 36.68
CA ILE C 252 1.43 2.00 36.45
C ILE C 252 0.53 2.66 37.48
N LEU C 253 -0.61 2.04 37.77
CA LEU C 253 -1.51 2.58 38.78
C LEU C 253 -0.79 2.67 40.12
N GLN C 254 -0.07 1.60 40.49
CA GLN C 254 0.70 1.62 41.73
C GLN C 254 1.72 2.76 41.73
N VAL C 255 2.45 2.93 40.63
CA VAL C 255 3.46 3.97 40.56
C VAL C 255 2.80 5.33 40.78
N ALA C 256 1.64 5.54 40.15
CA ALA C 256 1.05 6.86 40.18
C ALA C 256 0.41 7.17 41.53
N LYS C 257 -0.13 6.15 42.22
CA LYS C 257 -0.78 6.36 43.52
C LYS C 257 0.14 7.08 44.49
N LYS C 258 1.43 7.16 44.15
CA LYS C 258 2.42 7.81 44.99
C LYS C 258 2.57 9.30 44.68
N LEU D 4 31.93 7.42 -5.86
CA LEU D 4 30.90 7.61 -4.85
C LEU D 4 29.58 6.94 -5.23
N LYS D 5 29.28 6.95 -6.52
CA LYS D 5 27.97 6.47 -6.97
C LYS D 5 27.86 4.97 -6.80
N LYS D 6 28.96 4.23 -7.01
CA LYS D 6 28.90 2.79 -6.76
C LYS D 6 28.76 2.51 -5.27
N TYR D 7 29.55 3.20 -4.44
CA TYR D 7 29.36 3.06 -3.00
C TYR D 7 27.90 3.29 -2.61
N LEU D 8 27.27 4.31 -3.19
CA LEU D 8 25.91 4.64 -2.80
C LEU D 8 24.90 3.59 -3.27
N GLU D 9 25.03 3.10 -4.50
CA GLU D 9 24.11 2.08 -4.96
C GLU D 9 24.31 0.76 -4.22
N VAL D 10 25.53 0.45 -3.80
CA VAL D 10 25.76 -0.75 -3.00
C VAL D 10 25.17 -0.58 -1.61
N ALA D 11 25.32 0.61 -1.03
CA ALA D 11 24.70 0.89 0.28
C ALA D 11 23.21 0.59 0.23
N LYS D 12 22.53 1.05 -0.83
CA LYS D 12 21.09 0.88 -0.95
C LYS D 12 20.75 -0.58 -1.10
N ILE D 13 21.52 -1.30 -1.91
CA ILE D 13 21.25 -2.72 -2.10
C ILE D 13 21.45 -3.48 -0.80
N ALA D 14 22.55 -3.16 -0.08
CA ALA D 14 22.83 -3.80 1.20
C ALA D 14 21.70 -3.55 2.18
N ALA D 15 21.18 -2.32 2.23
CA ALA D 15 20.11 -1.99 3.16
C ALA D 15 18.84 -2.74 2.80
N LEU D 16 18.54 -2.87 1.51
CA LEU D 16 17.37 -3.64 1.12
C LEU D 16 17.52 -5.11 1.46
N ALA D 17 18.75 -5.60 1.42
CA ALA D 17 18.97 -7.01 1.68
C ALA D 17 18.75 -7.34 3.15
N GLY D 18 19.27 -6.48 4.04
CA GLY D 18 18.94 -6.59 5.46
C GLY D 18 17.46 -6.37 5.73
N GLY D 19 16.87 -5.41 5.02
CA GLY D 19 15.45 -5.12 5.18
C GLY D 19 14.56 -6.31 4.85
N GLN D 20 14.97 -7.13 3.90
CA GLN D 20 14.06 -8.22 3.53
C GLN D 20 13.99 -9.27 4.65
N VAL D 21 15.09 -9.48 5.36
CA VAL D 21 15.05 -10.30 6.56
C VAL D 21 14.05 -9.72 7.55
N LEU D 22 14.11 -8.40 7.78
CA LEU D 22 13.18 -7.80 8.72
C LEU D 22 11.73 -7.98 8.26
N LYS D 23 11.46 -7.84 6.95
CA LYS D 23 10.11 -7.99 6.44
C LYS D 23 9.58 -9.39 6.67
N GLU D 24 10.40 -10.40 6.44
CA GLU D 24 9.90 -11.78 6.47
C GLU D 24 9.58 -12.23 7.88
N ASN D 25 10.15 -11.59 8.89
CA ASN D 25 10.02 -12.05 10.27
C ASN D 25 9.18 -11.14 11.15
N PHE D 26 8.61 -10.07 10.59
CA PHE D 26 7.84 -9.13 11.40
C PHE D 26 6.57 -9.81 11.90
N GLY D 27 6.34 -9.74 13.21
CA GLY D 27 5.23 -10.42 13.84
C GLY D 27 5.56 -11.82 14.30
N LYS D 28 6.74 -12.32 13.97
CA LYS D 28 7.08 -13.72 14.23
C LYS D 28 7.98 -13.91 15.45
N VAL D 29 8.67 -12.87 15.90
CA VAL D 29 9.68 -13.04 16.94
C VAL D 29 8.98 -13.26 18.28
N LYS D 30 9.43 -14.27 19.01
CA LYS D 30 8.78 -14.71 20.25
C LYS D 30 9.76 -14.58 21.40
N LYS D 31 9.23 -14.58 22.63
CA LYS D 31 10.08 -14.46 23.81
C LYS D 31 11.19 -15.52 23.80
N GLU D 32 10.91 -16.68 23.22
CA GLU D 32 11.94 -17.72 23.12
C GLU D 32 13.19 -17.24 22.39
N ASN D 33 13.05 -16.22 21.53
CA ASN D 33 14.17 -15.72 20.72
C ASN D 33 14.69 -14.37 21.19
N ILE D 34 15.21 -14.30 22.41
CA ILE D 34 15.66 -13.06 22.99
C ILE D 34 17.02 -13.24 23.65
N PHE D 42 18.54 -5.79 24.06
CA PHE D 42 17.74 -6.81 23.39
C PHE D 42 18.20 -7.10 21.96
N VAL D 43 18.20 -8.39 21.60
CA VAL D 43 18.64 -8.82 20.28
C VAL D 43 17.92 -10.14 19.95
N SER D 44 17.88 -10.46 18.66
CA SER D 44 17.33 -11.75 18.25
C SER D 44 18.07 -12.22 17.00
N TYR D 45 17.68 -13.41 16.53
CA TYR D 45 18.23 -13.95 15.29
C TYR D 45 18.01 -13.01 14.11
N VAL D 46 16.95 -12.17 14.18
CA VAL D 46 16.63 -11.30 13.06
C VAL D 46 17.71 -10.24 12.88
N ASP D 47 18.04 -9.53 13.96
CA ASP D 47 19.16 -8.60 13.97
C ASP D 47 20.41 -9.25 13.39
N LYS D 48 20.77 -10.43 13.90
CA LYS D 48 22.03 -11.06 13.51
C LYS D 48 22.02 -11.45 12.03
N THR D 49 20.91 -12.04 11.57
CA THR D 49 20.82 -12.46 10.18
C THR D 49 20.83 -11.26 9.24
N SER D 50 20.08 -10.21 9.59
CA SER D 50 20.14 -8.99 8.79
C SER D 50 21.57 -8.49 8.70
N GLU D 51 22.29 -8.47 9.81
CA GLU D 51 23.65 -7.96 9.77
C GLU D 51 24.52 -8.79 8.84
N GLU D 52 24.34 -10.12 8.84
CA GLU D 52 25.15 -10.97 7.97
C GLU D 52 24.93 -10.61 6.50
N ARG D 53 23.67 -10.47 6.08
CA ARG D 53 23.35 -10.17 4.69
C ARG D 53 23.94 -8.83 4.27
N ILE D 54 23.87 -7.82 5.15
CA ILE D 54 24.40 -6.50 4.80
C ILE D 54 25.91 -6.57 4.57
N LYS D 55 26.62 -7.19 5.50
CA LYS D 55 28.07 -7.31 5.37
C LYS D 55 28.45 -8.12 4.13
N GLU D 56 27.77 -9.24 3.89
CA GLU D 56 28.02 -10.04 2.70
C GLU D 56 27.94 -9.21 1.44
N VAL D 57 26.84 -8.47 1.27
CA VAL D 57 26.66 -7.64 0.07
C VAL D 57 27.81 -6.66 -0.05
N ILE D 58 28.10 -5.92 1.02
CA ILE D 58 29.14 -4.88 0.94
C ILE D 58 30.48 -5.49 0.57
N LEU D 59 30.84 -6.61 1.20
CA LEU D 59 32.17 -7.19 1.00
C LEU D 59 32.31 -7.93 -0.32
N LYS D 60 31.22 -8.41 -0.93
CA LYS D 60 31.35 -8.97 -2.27
C LYS D 60 31.75 -7.87 -3.26
N PHE D 61 31.20 -6.67 -3.06
CA PHE D 61 31.49 -5.56 -3.95
C PHE D 61 32.81 -4.87 -3.62
N PHE D 62 33.16 -4.73 -2.34
CA PHE D 62 34.34 -4.01 -1.87
C PHE D 62 35.08 -4.91 -0.89
N PRO D 63 35.75 -5.95 -1.37
CA PRO D 63 36.29 -6.96 -0.45
C PRO D 63 37.39 -6.44 0.43
N ASP D 64 37.94 -5.26 0.12
CA ASP D 64 39.03 -4.66 0.90
C ASP D 64 38.53 -3.70 1.96
N HIS D 65 37.24 -3.37 1.96
CA HIS D 65 36.69 -2.42 2.92
C HIS D 65 36.53 -3.06 4.30
N GLU D 66 36.35 -2.21 5.31
CA GLU D 66 36.07 -2.68 6.69
C GLU D 66 34.57 -2.52 6.84
N VAL D 67 33.90 -3.47 7.48
CA VAL D 67 32.44 -3.38 7.73
C VAL D 67 32.25 -3.58 9.22
N VAL D 68 31.68 -2.58 9.90
CA VAL D 68 31.51 -2.59 11.37
C VAL D 68 30.01 -2.61 11.69
N GLY D 69 29.52 -3.69 12.27
CA GLY D 69 28.11 -3.80 12.66
C GLY D 69 27.92 -3.79 14.16
N GLU D 70 26.72 -3.48 14.63
CA GLU D 70 26.39 -3.40 16.07
C GLU D 70 26.46 -4.76 16.75
N GLU D 71 26.01 -5.83 16.11
CA GLU D 71 25.88 -7.16 16.78
C GLU D 71 27.15 -8.01 16.74
N MET D 72 27.99 -7.91 15.73
CA MET D 72 29.14 -8.82 15.57
C MET D 72 30.45 -8.05 15.32
N GLY D 73 30.45 -6.73 15.39
CA GLY D 73 31.70 -5.94 15.33
C GLY D 73 32.26 -5.72 13.93
N ALA D 74 33.58 -5.64 13.79
CA ALA D 74 34.21 -5.29 12.50
C ALA D 74 34.71 -6.50 11.72
N GLU D 75 34.77 -6.39 10.39
CA GLU D 75 35.33 -7.42 9.48
C GLU D 75 36.23 -6.64 8.51
N GLY D 76 37.22 -7.27 7.88
CA GLY D 76 38.19 -6.54 7.03
C GLY D 76 39.14 -5.80 7.94
N SER D 77 38.95 -4.50 8.16
CA SER D 77 39.72 -3.72 9.16
C SER D 77 41.00 -3.12 8.58
N GLY D 78 41.46 -2.03 9.20
CA GLY D 78 42.68 -1.34 8.75
C GLY D 78 42.41 -0.60 7.47
N SER D 79 41.13 -0.49 7.09
CA SER D 79 40.78 0.13 5.80
C SER D 79 40.36 1.58 6.00
N GLU D 80 40.69 2.42 5.04
CA GLU D 80 40.23 3.80 4.98
C GLU D 80 38.74 3.87 4.74
N TYR D 81 38.16 2.82 4.17
CA TYR D 81 36.74 2.77 3.85
C TYR D 81 36.08 1.92 4.93
N ARG D 82 35.27 2.56 5.77
CA ARG D 82 34.65 1.92 6.92
C ARG D 82 33.13 2.08 6.86
N TRP D 83 32.41 0.97 6.78
CA TRP D 83 30.95 0.96 6.83
C TRP D 83 30.47 0.75 8.27
N PHE D 84 29.44 1.51 8.67
CA PHE D 84 28.82 1.36 9.98
C PHE D 84 27.36 0.98 9.83
N ILE D 85 27.01 -0.22 10.30
CA ILE D 85 25.73 -0.86 10.00
C ILE D 85 24.95 -1.09 11.27
N ASP D 86 23.71 -0.58 11.30
CA ASP D 86 22.71 -1.08 12.22
C ASP D 86 21.74 -1.98 11.50
N PRO D 87 21.80 -3.30 11.73
CA PRO D 87 20.93 -4.24 11.00
C PRO D 87 19.49 -4.14 11.40
N LEU D 88 19.19 -3.48 12.53
CA LEU D 88 17.80 -3.30 12.94
C LEU D 88 17.80 -2.18 13.98
N ASP D 89 17.44 -0.99 13.55
CA ASP D 89 17.34 0.16 14.43
C ASP D 89 15.88 0.26 14.85
N GLY D 90 15.61 0.12 16.15
CA GLY D 90 14.24 -0.02 16.62
C GLY D 90 13.84 -1.44 16.98
N THR D 91 14.77 -2.20 17.56
CA THR D 91 14.50 -3.61 17.85
C THR D 91 13.29 -3.76 18.75
N LYS D 92 13.19 -2.92 19.80
CA LYS D 92 12.05 -3.02 20.71
C LYS D 92 10.74 -2.75 20.03
N ASN D 93 10.69 -1.72 19.17
CA ASN D 93 9.49 -1.51 18.38
C ASN D 93 9.19 -2.73 17.54
N TYR D 94 10.21 -3.24 16.86
CA TYR D 94 10.05 -4.36 15.93
C TYR D 94 9.42 -5.56 16.64
N ILE D 95 9.94 -5.92 17.81
CA ILE D 95 9.42 -7.05 18.55
C ILE D 95 7.98 -6.79 19.00
N ASN D 96 7.67 -5.56 19.40
CA ASN D 96 6.30 -5.24 19.80
C ASN D 96 5.31 -5.14 18.65
N GLY D 97 5.77 -5.05 17.39
CA GLY D 97 4.85 -4.84 16.31
C GLY D 97 4.57 -3.40 15.97
N PHE D 98 5.34 -2.47 16.54
CA PHE D 98 5.25 -1.05 16.19
C PHE D 98 6.18 -0.78 15.03
N PRO D 99 5.65 -0.38 13.86
CA PRO D 99 6.44 -0.48 12.63
C PRO D 99 7.50 0.58 12.43
N ILE D 100 7.90 1.37 13.44
CA ILE D 100 8.97 2.35 13.28
C ILE D 100 10.30 1.65 13.59
N PHE D 101 10.91 1.09 12.54
CA PHE D 101 12.22 0.46 12.63
C PHE D 101 12.88 0.57 11.26
N ALA D 102 14.21 0.39 11.22
CA ALA D 102 14.94 0.60 9.98
C ALA D 102 16.20 -0.24 9.94
N VAL D 103 16.81 -0.29 8.76
CA VAL D 103 18.18 -0.76 8.54
C VAL D 103 19.01 0.45 8.16
N SER D 104 20.15 0.65 8.84
CA SER D 104 21.02 1.78 8.55
C SER D 104 22.38 1.33 8.02
N VAL D 105 22.76 1.82 6.84
CA VAL D 105 24.04 1.50 6.20
C VAL D 105 24.75 2.78 5.86
N GLY D 106 25.85 3.07 6.55
CA GLY D 106 26.60 4.29 6.34
C GLY D 106 28.07 4.00 6.06
N LEU D 107 28.67 4.83 5.21
CA LEU D 107 30.08 4.73 4.83
C LEU D 107 30.83 5.98 5.26
N VAL D 108 32.04 5.79 5.80
CA VAL D 108 32.93 6.93 6.18
C VAL D 108 34.26 6.72 5.45
N LYS D 109 34.84 7.74 4.82
CA LYS D 109 36.17 7.64 4.19
C LYS D 109 37.11 8.39 5.12
N GLY D 110 37.93 7.66 5.88
CA GLY D 110 38.77 8.27 6.91
C GLY D 110 37.92 8.55 8.12
N GLU D 111 37.47 9.79 8.27
CA GLU D 111 36.61 10.20 9.40
C GLU D 111 35.36 10.92 8.88
N GLU D 112 35.27 11.13 7.56
CA GLU D 112 34.14 11.89 6.95
C GLU D 112 33.03 10.95 6.48
N PRO D 113 31.79 11.05 7.00
CA PRO D 113 30.67 10.28 6.41
C PRO D 113 30.42 10.70 4.97
N ILE D 114 30.29 9.73 4.06
CA ILE D 114 30.18 10.10 2.65
C ILE D 114 29.01 9.46 1.92
N VAL D 115 28.53 8.33 2.40
CA VAL D 115 27.40 7.64 1.77
C VAL D 115 26.45 7.18 2.87
N GLY D 116 25.14 7.30 2.62
CA GLY D 116 24.16 6.84 3.59
C GLY D 116 22.89 6.28 2.97
N ALA D 117 22.44 5.13 3.48
CA ALA D 117 21.15 4.52 3.11
C ALA D 117 20.46 4.06 4.39
N VAL D 118 19.20 4.45 4.55
CA VAL D 118 18.37 4.05 5.68
C VAL D 118 17.05 3.54 5.13
N TYR D 119 16.66 2.31 5.48
CA TYR D 119 15.50 1.68 4.88
C TYR D 119 14.48 1.34 5.96
N LEU D 120 13.24 1.76 5.75
CA LEU D 120 12.10 1.49 6.62
C LEU D 120 11.29 0.36 5.96
N PRO D 121 11.51 -0.90 6.35
CA PRO D 121 10.92 -2.00 5.56
C PRO D 121 9.42 -2.04 5.60
N TYR D 122 8.79 -1.65 6.70
CA TYR D 122 7.34 -1.77 6.77
C TYR D 122 6.68 -0.81 5.79
N PHE D 123 7.25 0.35 5.59
CA PHE D 123 6.69 1.37 4.72
C PHE D 123 7.33 1.39 3.34
N ASP D 124 8.29 0.51 3.11
CA ASP D 124 9.08 0.52 1.88
C ASP D 124 9.54 1.91 1.51
N LYS D 125 10.19 2.58 2.47
CA LYS D 125 10.77 3.91 2.28
C LYS D 125 12.27 3.82 2.43
N LEU D 126 13.00 4.16 1.38
CA LEU D 126 14.45 4.12 1.37
C LEU D 126 14.98 5.56 1.32
N TYR D 127 15.60 6.00 2.40
CA TYR D 127 16.30 7.28 2.43
C TYR D 127 17.73 7.06 1.98
N TRP D 128 18.25 7.94 1.15
CA TRP D 128 19.62 7.73 0.67
C TRP D 128 20.27 9.06 0.34
N GLY D 129 21.61 9.04 0.34
CA GLY D 129 22.37 10.27 0.27
C GLY D 129 23.86 10.02 0.13
N ALA D 130 24.56 10.97 -0.50
CA ALA D 130 26.01 10.89 -0.62
C ALA D 130 26.56 12.30 -0.74
N LYS D 131 27.68 12.56 -0.06
CA LYS D 131 28.34 13.86 -0.10
C LYS D 131 28.33 14.44 -1.51
N GLY D 132 27.68 15.60 -1.66
CA GLY D 132 27.68 16.33 -2.91
C GLY D 132 26.63 15.90 -3.91
N LEU D 133 25.84 14.88 -3.59
CA LEU D 133 24.92 14.30 -4.55
C LEU D 133 23.46 14.42 -4.13
N GLY D 134 23.18 15.09 -3.02
CA GLY D 134 21.81 15.29 -2.58
C GLY D 134 21.30 14.17 -1.70
N ALA D 135 20.14 14.43 -1.10
CA ALA D 135 19.44 13.48 -0.27
C ALA D 135 18.10 13.17 -0.92
N TYR D 136 17.68 11.91 -0.86
CA TYR D 136 16.44 11.46 -1.53
C TYR D 136 15.63 10.50 -0.67
N VAL D 137 14.35 10.32 -0.97
CA VAL D 137 13.50 9.28 -0.32
C VAL D 137 12.83 8.55 -1.50
N ASN D 138 13.26 7.32 -1.81
CA ASN D 138 12.77 6.58 -3.00
C ASN D 138 13.22 7.35 -4.25
N GLY D 139 12.31 7.97 -5.00
CA GLY D 139 12.69 8.77 -6.17
C GLY D 139 12.55 10.26 -5.95
N LYS D 140 12.56 10.77 -4.73
CA LYS D 140 12.26 12.21 -4.49
C LYS D 140 13.33 12.95 -3.69
N ARG D 141 13.97 13.95 -4.29
CA ARG D 141 14.93 14.80 -3.56
C ARG D 141 14.25 15.35 -2.31
N ILE D 142 14.95 15.43 -1.18
CA ILE D 142 14.42 15.97 0.06
C ILE D 142 15.34 17.06 0.56
N LYS D 143 14.83 17.86 1.52
CA LYS D 143 15.53 19.00 2.06
C LYS D 143 14.94 19.29 3.43
N VAL D 144 15.77 19.73 4.36
CA VAL D 144 15.29 20.07 5.71
C VAL D 144 14.32 21.24 5.59
N LYS D 145 13.49 21.41 6.61
CA LYS D 145 12.41 22.37 6.53
C LYS D 145 12.90 23.76 6.92
N ASP D 146 12.47 24.75 6.13
CA ASP D 146 12.81 26.15 6.38
C ASP D 146 11.76 26.70 7.34
N ASN D 147 12.00 26.53 8.64
CA ASN D 147 11.17 27.09 9.69
C ASN D 147 12.10 27.56 10.80
N GLU D 148 11.71 28.68 11.44
CA GLU D 148 12.49 29.24 12.53
C GLU D 148 11.66 29.53 13.77
N SER D 149 10.34 29.50 13.67
CA SER D 149 9.50 29.71 14.83
C SER D 149 9.58 28.49 15.72
N LEU D 150 9.91 28.69 16.98
CA LEU D 150 10.02 27.55 17.86
C LEU D 150 8.66 26.91 18.07
N LYS D 151 7.60 27.72 18.18
CA LYS D 151 6.32 27.18 18.58
C LYS D 151 5.70 26.32 17.49
N HIS D 152 6.19 26.43 16.25
CA HIS D 152 5.77 25.56 15.16
C HIS D 152 6.72 24.38 14.96
N ALA D 153 7.78 24.29 15.72
CA ALA D 153 8.78 23.25 15.52
C ALA D 153 8.36 21.95 16.18
N GLY D 154 8.76 20.85 15.55
CA GLY D 154 8.65 19.53 16.14
C GLY D 154 10.05 18.99 16.40
N VAL D 155 10.22 18.35 17.54
CA VAL D 155 11.51 17.77 17.92
C VAL D 155 11.34 16.29 18.25
N VAL D 156 12.19 15.46 17.67
CA VAL D 156 12.26 14.05 18.04
C VAL D 156 13.36 13.90 19.06
N TYR D 157 13.17 13.00 20.03
CA TYR D 157 14.14 12.80 21.09
C TYR D 157 14.19 11.34 21.51
N GLY D 158 15.26 10.98 22.21
CA GLY D 158 15.38 9.63 22.71
C GLY D 158 16.51 9.55 23.71
N PHE D 159 16.43 8.62 24.67
CA PHE D 159 17.58 8.36 25.55
C PHE D 159 17.36 7.05 26.28
N PRO D 160 18.43 6.27 26.55
CA PRO D 160 18.41 4.92 27.14
C PRO D 160 17.37 4.73 28.24
N SER D 168 18.95 12.30 35.01
CA SER D 168 18.17 13.48 35.36
C SER D 168 18.68 14.73 34.63
N ILE D 169 19.91 14.67 34.14
CA ILE D 169 20.37 15.66 33.18
C ILE D 169 19.50 15.61 31.92
N TYR D 170 19.25 14.40 31.43
CA TYR D 170 18.43 14.26 30.23
C TYR D 170 17.05 14.85 30.46
N LEU D 171 16.47 14.62 31.64
CA LEU D 171 15.16 15.16 31.96
C LEU D 171 15.16 16.69 31.92
N ASN D 172 16.26 17.33 32.38
CA ASN D 172 16.33 18.78 32.42
C ASN D 172 16.43 19.38 31.02
N ILE D 173 17.27 18.79 30.17
CA ILE D 173 17.33 19.21 28.77
C ILE D 173 15.96 19.04 28.11
N PHE D 174 15.35 17.87 28.30
CA PHE D 174 14.00 17.62 27.77
C PHE D 174 13.07 18.76 28.15
N LYS D 175 13.05 19.14 29.43
CA LYS D 175 12.10 20.15 29.89
C LYS D 175 12.32 21.49 29.20
N ASP D 176 13.58 21.89 29.01
CA ASP D 176 13.84 23.21 28.47
C ASP D 176 13.40 23.32 27.02
N VAL D 177 13.69 22.29 26.22
CA VAL D 177 13.19 22.27 24.84
C VAL D 177 11.66 22.13 24.85
N PHE D 178 11.13 21.23 25.67
CA PHE D 178 9.69 21.03 25.81
C PHE D 178 8.92 22.34 25.86
N TYR D 179 9.35 23.28 26.71
CA TYR D 179 8.57 24.48 26.95
C TYR D 179 8.54 25.42 25.77
N GLU D 180 9.55 25.37 24.90
CA GLU D 180 9.64 26.33 23.80
C GLU D 180 9.09 25.84 22.46
N VAL D 181 9.05 24.53 22.18
CA VAL D 181 8.69 24.05 20.83
C VAL D 181 7.25 23.52 20.78
N GLY D 182 6.74 23.38 19.56
CA GLY D 182 5.37 22.93 19.37
C GLY D 182 5.12 21.54 19.94
N SER D 183 6.03 20.61 19.68
CA SER D 183 5.79 19.24 20.11
C SER D 183 7.11 18.50 20.23
N MET D 184 7.13 17.51 21.12
CA MET D 184 8.24 16.57 21.21
C MET D 184 7.72 15.15 21.03
N ARG D 185 8.42 14.36 20.23
CA ARG D 185 7.98 13.02 19.89
C ARG D 185 9.11 12.04 20.13
N ARG D 186 8.76 10.84 20.62
CA ARG D 186 9.73 9.77 20.89
C ARG D 186 9.37 8.52 20.10
N PRO D 187 9.78 8.42 18.83
CA PRO D 187 9.36 7.25 18.02
C PRO D 187 10.21 6.00 18.22
N GLY D 188 11.44 6.12 18.71
CA GLY D 188 12.21 4.97 19.16
C GLY D 188 13.15 4.35 18.17
N ALA D 189 13.50 5.06 17.09
CA ALA D 189 14.52 4.56 16.15
C ALA D 189 15.31 5.78 15.68
N ALA D 190 16.51 5.93 16.22
CA ALA D 190 17.30 7.14 15.99
C ALA D 190 17.63 7.37 14.53
N ALA D 191 17.86 6.29 13.76
CA ALA D 191 18.15 6.46 12.33
C ALA D 191 16.92 6.99 11.59
N VAL D 192 15.73 6.58 12.01
CA VAL D 192 14.53 7.10 11.38
C VAL D 192 14.32 8.54 11.78
N ASP D 193 14.59 8.86 13.05
CA ASP D 193 14.47 10.24 13.52
C ASP D 193 15.32 11.19 12.68
N LEU D 194 16.57 10.79 12.41
CA LEU D 194 17.46 11.61 11.59
C LEU D 194 16.86 11.83 10.21
N CYS D 195 16.35 10.76 9.59
CA CYS D 195 15.80 10.88 8.26
C CYS D 195 14.57 11.77 8.22
N MET D 196 13.78 11.79 9.30
CA MET D 196 12.57 12.61 9.27
C MET D 196 12.93 14.08 9.41
N VAL D 197 14.04 14.37 10.09
CA VAL D 197 14.57 15.72 10.05
C VAL D 197 15.05 16.06 8.65
N ALA D 198 15.77 15.14 8.01
CA ALA D 198 16.27 15.39 6.66
C ALA D 198 15.15 15.56 5.66
N GLU D 199 14.00 14.96 5.93
CA GLU D 199 12.85 15.05 5.03
C GLU D 199 11.98 16.27 5.30
N GLY D 200 12.15 16.93 6.43
CA GLY D 200 11.40 18.14 6.73
C GLY D 200 10.16 17.93 7.55
N ILE D 201 10.00 16.77 8.20
CA ILE D 201 8.87 16.56 9.09
C ILE D 201 9.14 17.17 10.46
N PHE D 202 10.34 16.92 11.01
CA PHE D 202 10.75 17.48 12.28
C PHE D 202 11.83 18.52 12.05
N ASP D 203 11.80 19.54 12.90
CA ASP D 203 12.75 20.65 12.80
C ASP D 203 14.08 20.29 13.44
N GLY D 204 14.05 19.56 14.56
CA GLY D 204 15.26 19.27 15.29
C GLY D 204 15.20 17.90 15.94
N MET D 205 16.35 17.51 16.49
CA MET D 205 16.55 16.18 17.04
C MET D 205 17.60 16.22 18.14
N MET D 206 17.33 15.47 19.20
CA MET D 206 18.14 15.47 20.42
C MET D 206 18.13 14.06 20.98
N GLU D 207 19.22 13.32 20.75
CA GLU D 207 19.31 11.94 21.21
C GLU D 207 20.68 11.68 21.80
N PHE D 208 20.69 10.94 22.88
CA PHE D 208 21.88 10.80 23.72
C PHE D 208 22.34 9.35 23.73
N GLU D 209 23.64 9.18 23.84
CA GLU D 209 24.27 7.86 24.01
C GLU D 209 24.05 7.05 22.75
N MET D 210 24.41 7.67 21.64
CA MET D 210 24.36 7.08 20.32
C MET D 210 25.65 6.33 20.05
N LYS D 211 25.58 5.40 19.11
CA LYS D 211 26.71 4.68 18.57
C LYS D 211 26.85 5.02 17.09
N PRO D 212 28.03 4.83 16.51
CA PRO D 212 28.26 5.33 15.14
C PRO D 212 27.36 4.69 14.11
N TRP D 213 26.92 3.45 14.35
CA TRP D 213 25.99 2.84 13.40
C TRP D 213 24.58 3.39 13.53
N ASP D 214 24.23 3.99 14.67
CA ASP D 214 22.91 4.56 14.84
C ASP D 214 22.72 5.78 13.94
N ILE D 215 23.81 6.49 13.63
CA ILE D 215 23.73 7.86 13.12
C ILE D 215 24.48 8.07 11.82
N THR D 216 25.44 7.23 11.46
CA THR D 216 26.34 7.57 10.36
C THR D 216 25.57 7.83 9.06
N ALA D 217 24.73 6.87 8.67
CA ALA D 217 23.99 7.03 7.42
C ALA D 217 23.11 8.27 7.47
N GLY D 218 22.36 8.44 8.56
CA GLY D 218 21.50 9.60 8.69
C GLY D 218 22.23 10.92 8.68
N LEU D 219 23.48 10.93 9.16
CA LEU D 219 24.30 12.12 9.09
C LEU D 219 24.59 12.52 7.65
N VAL D 220 24.86 11.54 6.79
CA VAL D 220 25.14 11.87 5.40
C VAL D 220 23.89 12.42 4.75
N ILE D 221 22.76 11.73 4.97
CA ILE D 221 21.49 12.16 4.40
C ILE D 221 21.11 13.54 4.93
N LEU D 222 21.31 13.78 6.23
CA LEU D 222 20.87 15.04 6.82
C LEU D 222 21.68 16.22 6.31
N LYS D 223 23.00 16.05 6.20
CA LYS D 223 23.83 17.13 5.67
C LYS D 223 23.50 17.42 4.21
N GLU D 224 23.32 16.36 3.40
CA GLU D 224 22.92 16.53 2.01
C GLU D 224 21.55 17.21 1.90
N ALA D 225 20.72 17.12 2.92
CA ALA D 225 19.40 17.76 2.91
C ALA D 225 19.44 19.20 3.43
N GLY D 226 20.63 19.74 3.63
CA GLY D 226 20.75 21.08 4.16
C GLY D 226 20.68 21.17 5.67
N GLY D 227 20.82 20.06 6.38
CA GLY D 227 20.80 20.08 7.82
C GLY D 227 22.18 20.36 8.40
N VAL D 228 22.22 20.47 9.72
CA VAL D 228 23.46 20.71 10.45
C VAL D 228 23.39 19.94 11.77
N TYR D 229 24.56 19.53 12.26
CA TYR D 229 24.56 18.71 13.47
C TYR D 229 25.83 18.99 14.25
N THR D 230 25.74 18.73 15.55
CA THR D 230 26.86 18.72 16.47
C THR D 230 26.88 17.38 17.18
N LEU D 231 28.00 16.67 17.13
CA LEU D 231 28.18 15.46 17.92
C LEU D 231 28.95 15.81 19.18
N VAL D 232 28.49 15.28 20.30
CA VAL D 232 29.06 15.57 21.63
C VAL D 232 29.54 14.25 22.19
N GLY D 233 30.84 14.15 22.43
CA GLY D 233 31.45 12.91 22.88
C GLY D 233 32.42 12.37 21.84
N GLU D 234 32.38 11.04 21.66
CA GLU D 234 33.31 10.35 20.77
C GLU D 234 32.53 9.85 19.55
N PRO D 235 32.56 10.56 18.43
CA PRO D 235 31.77 10.13 17.27
C PRO D 235 32.02 8.70 16.85
N PHE D 236 33.19 8.15 17.14
CA PHE D 236 33.47 6.75 16.84
C PHE D 236 33.25 5.86 18.05
N GLY D 237 32.82 6.43 19.17
CA GLY D 237 32.37 5.67 20.32
C GLY D 237 30.97 6.09 20.69
N VAL D 238 30.75 6.41 21.96
CA VAL D 238 29.44 6.87 22.41
C VAL D 238 29.38 8.39 22.23
N SER D 239 28.29 8.88 21.63
CA SER D 239 28.13 10.32 21.51
C SER D 239 26.68 10.72 21.71
N ASP D 240 26.46 12.04 21.76
CA ASP D 240 25.15 12.66 21.78
C ASP D 240 25.01 13.47 20.50
N ILE D 241 23.82 13.45 19.89
CA ILE D 241 23.58 14.10 18.62
C ILE D 241 22.58 15.24 18.83
N ILE D 242 22.93 16.42 18.33
CA ILE D 242 22.02 17.56 18.21
C ILE D 242 21.98 17.92 16.74
N ALA D 243 20.78 17.87 16.14
CA ALA D 243 20.67 18.07 14.70
C ALA D 243 19.36 18.77 14.39
N GLY D 244 19.34 19.44 13.25
CA GLY D 244 18.11 20.06 12.80
C GLY D 244 18.37 21.00 11.64
N ASN D 245 17.35 21.78 11.30
CA ASN D 245 17.62 23.00 10.56
C ASN D 245 18.44 23.93 11.46
N LYS D 246 19.17 24.86 10.84
CA LYS D 246 20.07 25.77 11.55
C LYS D 246 19.40 26.34 12.79
N ALA D 247 18.10 26.62 12.71
CA ALA D 247 17.41 27.30 13.80
C ALA D 247 17.30 26.41 15.03
N LEU D 248 16.74 25.21 14.88
CA LEU D 248 16.55 24.34 16.05
C LEU D 248 17.86 23.72 16.51
N HIS D 249 18.83 23.51 15.62
CA HIS D 249 20.13 23.04 16.06
C HIS D 249 20.74 24.02 17.05
N ASP D 250 20.65 25.31 16.74
CA ASP D 250 21.25 26.33 17.59
C ASP D 250 20.52 26.43 18.93
N PHE D 251 19.19 26.45 18.89
CA PHE D 251 18.43 26.48 20.14
C PHE D 251 18.79 25.29 21.03
N ILE D 252 18.70 24.08 20.48
CA ILE D 252 18.96 22.90 21.29
C ILE D 252 20.40 22.89 21.78
N LEU D 253 21.34 23.28 20.91
CA LEU D 253 22.73 23.38 21.33
C LEU D 253 22.85 24.30 22.54
N GLN D 254 22.27 25.50 22.46
CA GLN D 254 22.33 26.43 23.59
C GLN D 254 21.78 25.77 24.86
N VAL D 255 20.66 25.07 24.74
CA VAL D 255 20.05 24.41 25.88
C VAL D 255 21.04 23.37 26.42
C1 MPD E . -2.80 -7.80 -7.05
C2 MPD E . -1.39 -7.54 -7.56
O2 MPD E . -0.69 -6.67 -6.65
CM MPD E . -1.45 -6.85 -8.92
C3 MPD E . -0.66 -8.87 -7.72
C4 MPD E . -0.45 -9.63 -6.43
O4 MPD E . -0.15 -8.76 -5.36
C5 MPD E . -1.66 -10.46 -5.99
H11 MPD E . -3.14 -8.77 -7.38
H12 MPD E . -3.47 -7.03 -7.42
H13 MPD E . -2.80 -7.77 -5.95
HO2 MPD E . 0.13 -7.11 -6.32
HM1 MPD E . -0.80 -7.37 -9.61
HM2 MPD E . -1.11 -5.82 -8.80
HM3 MPD E . -2.47 -6.86 -9.29
H31 MPD E . 0.32 -8.67 -8.17
H32 MPD E . -1.21 -9.49 -8.41
H4 MPD E . 0.37 -10.31 -6.65
HO4 MPD E . -0.97 -8.30 -5.07
H51 MPD E . -1.36 -11.15 -5.20
H52 MPD E . -2.03 -11.04 -6.84
H53 MPD E . -2.44 -9.80 -5.62
C1 MPD F . 18.73 -15.28 -25.76
C2 MPD F . 18.12 -16.66 -25.82
O2 MPD F . 18.36 -17.30 -24.53
CM MPD F . 18.80 -17.48 -26.92
C3 MPD F . 16.61 -16.52 -26.08
C4 MPD F . 16.23 -16.16 -27.50
O4 MPD F . 14.80 -16.01 -27.52
C5 MPD F . 16.76 -14.86 -28.07
H11 MPD F . 18.67 -14.82 -26.75
H12 MPD F . 19.78 -15.36 -25.46
H13 MPD F . 18.18 -14.67 -25.04
HO2 MPD F . 17.52 -17.44 -24.07
HM1 MPD F . 19.63 -18.05 -26.49
HM2 MPD F . 19.17 -16.82 -27.69
HM3 MPD F . 18.07 -18.17 -27.36
H31 MPD F . 16.22 -15.74 -25.41
H32 MPD F . 16.12 -17.46 -25.81
H4 MPD F . 16.66 -16.96 -28.10
HO4 MPD F . 14.54 -15.39 -26.82
H51 MPD F . 17.71 -15.04 -28.55
H52 MPD F . 16.89 -14.14 -27.27
H53 MPD F . 16.05 -14.47 -28.81
C1 MPD G . 20.90 -21.56 -23.34
C2 MPD G . 22.05 -20.61 -23.00
O2 MPD G . 23.27 -21.34 -23.22
CM MPD G . 22.00 -20.27 -21.53
C3 MPD G . 21.91 -19.35 -23.88
C4 MPD G . 23.22 -18.71 -24.33
O4 MPD G . 23.08 -17.41 -24.87
C5 MPD G . 24.19 -18.58 -23.17
H11 MPD G . 20.02 -20.99 -23.60
H12 MPD G . 20.70 -22.19 -22.47
H13 MPD G . 21.20 -22.19 -24.18
HO2 MPD G . 23.67 -21.07 -24.06
HM1 MPD G . 21.84 -19.21 -21.40
HM2 MPD G . 22.93 -20.57 -21.05
HM3 MPD G . 21.17 -20.82 -21.06
H31 MPD G . 21.36 -18.60 -23.32
H32 MPD G . 21.34 -19.61 -24.77
H4 MPD G . 23.57 -19.38 -25.12
HO4 MPD G . 22.63 -16.82 -24.23
H51 MPD G . 24.85 -17.74 -23.35
H52 MPD G . 24.77 -19.49 -23.08
H53 MPD G . 23.62 -18.41 -22.25
C1 MPD H . 13.13 -21.87 -17.45
C2 MPD H . 13.16 -22.47 -18.79
O2 MPD H . 14.47 -22.30 -19.33
CM MPD H . 12.25 -21.70 -19.74
C3 MPD H . 12.86 -23.92 -18.39
C4 MPD H . 12.92 -24.95 -19.48
O4 MPD H . 13.40 -26.20 -19.09
C5 MPD H . 11.47 -25.16 -19.91
H11 MPD H . 12.79 -22.61 -16.72
H12 MPD H . 12.43 -21.02 -17.44
H13 MPD H . 14.13 -21.52 -17.17
HO2 MPD H . 14.92 -23.18 -19.37
HM1 MPD H . 11.94 -22.34 -20.55
HM2 MPD H . 12.81 -20.84 -20.15
HM3 MPD H . 11.38 -21.34 -19.19
H31 MPD H . 11.86 -23.95 -17.96
H32 MPD H . 13.57 -24.22 -17.61
H4 MPD H . 13.60 -24.58 -20.26
HO4 MPD H . 12.74 -26.65 -18.52
H51 MPD H . 11.18 -24.38 -20.62
H52 MPD H . 10.82 -25.11 -19.04
H53 MPD H . 11.37 -26.14 -20.39
MG MG I . 10.89 -6.97 -19.98
MG MG J . 8.54 -9.90 -19.97
P PO4 K . 8.30 -6.64 -21.36
O1 PO4 K . 7.86 -7.03 -22.78
O2 PO4 K . 7.01 -6.13 -20.74
O3 PO4 K . 8.67 -7.85 -20.52
O4 PO4 K . 9.57 -5.60 -21.46
C1 MPD L . -32.84 -1.08 -13.37
C2 MPD L . -32.71 -0.26 -14.65
O2 MPD L . -32.35 1.09 -14.26
CM MPD L . -34.04 -0.23 -15.40
C3 MPD L . -31.59 -0.83 -15.52
C4 MPD L . -31.94 -2.13 -16.22
O4 MPD L . -30.76 -2.54 -16.94
C5 MPD L . -32.33 -3.28 -15.32
H11 MPD L . -33.43 -1.97 -13.57
H12 MPD L . -33.34 -0.47 -12.61
H13 MPD L . -31.85 -1.35 -13.02
HO2 MPD L . -31.47 1.32 -14.62
HM1 MPD L . -34.29 -1.24 -15.74
HM2 MPD L . -33.96 0.43 -16.26
HM3 MPD L . -34.82 0.13 -14.73
H31 MPD L . -30.71 -1.00 -14.90
H32 MPD L . -31.32 -0.09 -16.27
H4 MPD L . -32.81 -1.93 -16.85
HO4 MPD L . -30.49 -1.82 -17.53
H51 MPD L . -32.13 -4.22 -15.83
H52 MPD L . -33.38 -3.21 -15.09
H53 MPD L . -31.74 -3.23 -14.40
C1 MPD M . -4.46 3.41 -10.99
C2 MPD M . -4.98 2.33 -10.04
O2 MPD M . -6.28 1.85 -10.46
CM MPD M . -5.22 2.99 -8.71
C3 MPD M . -3.98 1.18 -9.95
C4 MPD M . -4.65 -0.02 -9.32
O4 MPD M . -5.80 -0.33 -10.11
C5 MPD M . -3.78 -1.27 -9.28
H11 MPD M . -3.57 3.05 -11.49
H12 MPD M . -4.22 4.31 -10.41
H13 MPD M . -5.22 3.64 -11.73
HO2 MPD M . -6.17 1.00 -10.94
HM1 MPD M . -4.26 3.22 -8.24
HM2 MPD M . -5.78 2.31 -8.07
HM3 MPD M . -5.78 3.92 -8.86
H31 MPD M . -3.12 1.48 -9.35
H32 MPD M . -3.62 0.93 -10.94
H4 MPD M . -4.90 0.24 -8.29
HO4 MPD M . -6.37 -0.97 -9.63
H51 MPD M . -4.34 -2.11 -9.68
H52 MPD M . -3.47 -1.47 -8.25
H53 MPD M . -2.90 -1.10 -9.90
C1 MPD N . -36.46 6.33 -13.43
C2 MPD N . -35.35 5.36 -13.80
O2 MPD N . -34.15 5.76 -13.12
CM MPD N . -35.01 5.46 -15.28
C3 MPD N . -35.71 3.91 -13.46
C4 MPD N . -36.09 3.66 -12.03
O4 MPD N . -37.29 4.30 -11.68
C5 MPD N . -36.35 2.17 -11.80
H11 MPD N . -37.43 5.82 -13.50
H12 MPD N . -36.45 7.17 -14.12
H13 MPD N . -36.31 6.69 -12.41
HO2 MPD N . -33.81 5.01 -12.60
HM1 MPD N . -34.93 4.47 -15.71
HM2 MPD N . -34.06 5.98 -15.40
HM3 MPD N . -35.80 6.01 -15.80
H31 MPD N . -34.84 3.29 -13.70
H32 MPD N . -36.53 3.60 -14.11
H4 MPD N . -35.28 4.05 -11.42
HO4 MPD N . -38.00 4.05 -12.30
H51 MPD N . -37.30 2.02 -11.29
H52 MPD N . -35.54 1.75 -11.19
H53 MPD N . -36.37 1.65 -12.77
C1 MPD O . -25.37 7.81 -16.32
C2 MPD O . -26.23 7.50 -17.50
O2 MPD O . -27.52 7.18 -16.98
CM MPD O . -25.71 6.21 -18.12
C3 MPD O . -26.10 8.87 -18.20
C4 MPD O . -26.77 9.11 -19.56
O4 MPD O . -26.04 8.35 -20.47
C5 MPD O . -28.24 8.79 -19.41
H11 MPD O . -26.00 7.95 -15.44
H12 MPD O . -24.82 8.72 -16.51
H13 MPD O . -24.68 6.98 -16.14
HO2 MPD O . -28.10 7.97 -17.05
HM1 MPD O . -24.82 6.43 -18.69
HM2 MPD O . -26.47 5.79 -18.78
HM3 MPD O . -25.47 5.50 -17.32
H31 MPD O . -25.04 9.07 -18.33
H32 MPD O . -26.49 9.63 -17.51
H4 MPD O . -26.76 10.13 -19.92
HO4 MPD O . -26.08 8.81 -21.34
H51 MPD O . -28.35 7.75 -19.09
H52 MPD O . -28.73 8.92 -20.38
H53 MPD O . -28.69 9.46 -18.68
MG MG P . -21.51 -5.09 -9.23
MG MG Q . -20.29 -3.54 -12.41
P PO4 R . -20.08 -6.82 -11.18
O1 PO4 R . -20.60 -7.60 -12.42
O2 PO4 R . -18.57 -7.09 -11.22
O3 PO4 R . -20.23 -5.33 -11.31
O4 PO4 R . -20.91 -7.35 -9.90
C1 MPD S . -1.69 0.96 14.27
C2 MPD S . -0.34 1.52 13.87
O2 MPD S . 0.70 0.63 14.31
CM MPD S . -0.17 2.88 14.53
C3 MPD S . -0.37 1.63 12.36
C4 MPD S . 0.97 2.07 11.80
O4 MPD S . 1.13 1.56 10.49
C5 MPD S . 1.08 3.58 11.80
H11 MPD S . -2.34 0.93 13.39
H12 MPD S . -2.13 1.60 15.03
H13 MPD S . -1.56 -0.04 14.67
HO2 MPD S . 1.08 0.16 13.53
HM1 MPD S . -0.61 3.66 13.90
HM2 MPD S . 0.89 3.09 14.67
HM3 MPD S . -0.66 2.88 15.51
H31 MPD S . -1.14 2.34 12.05
H32 MPD S . -0.63 0.66 11.94
H4 MPD S . 1.77 1.68 12.43
HO4 MPD S . 0.26 1.54 10.04
H51 MPD S . 1.89 3.89 11.14
H52 MPD S . 1.28 3.94 12.81
H53 MPD S . 0.15 4.02 11.44
MG MG T . -6.76 15.27 20.68
MG MG U . -8.09 17.12 18.20
MG MG V . 19.78 0.87 17.32
MG MG W . 20.18 -2.05 16.28
#